data_2Q8C
#
_entry.id   2Q8C
#
_cell.length_a   100.887
_cell.length_b   149.121
_cell.length_c   57.056
_cell.angle_alpha   90.00
_cell.angle_beta   90.00
_cell.angle_gamma   90.00
#
_symmetry.space_group_name_H-M   'P 21 21 2'
#
loop_
_entity.id
_entity.type
_entity.pdbx_description
1 polymer 'JmjC domain-containing histone demethylation protein 3A'
2 polymer 'HISTONE 3 PEPTIDE'
3 non-polymer 'NICKEL (II) ION'
4 non-polymer 'ZINC ION'
5 non-polymer '2-OXOGLUTARIC ACID'
6 water water
#
loop_
_entity_poly.entity_id
_entity_poly.type
_entity_poly.pdbx_seq_one_letter_code
_entity_poly.pdbx_strand_id
1 'polypeptide(L)'
;GSMASESETLNPSARIMTFYPTMEEFRNFSRYIAYIESQGAHRAGLAKVVPPKEWKPRASYDDIDDLVIPAPIQQLVTGQ
SGLFTQYNIQKKAMTVREFRKIANSDKYCTPRYSEFEELERKYWKNLTFNPPIYGADVNGTLYEKHVDEWNIGRLRTILD
LVEKESGITIEGVNTPYLYFGMWKTSFAWHTEDMDLYSINYLHFGEPKSWYSVPPEHGKRLERLAKGFFPGSAQSCEAFL
RHKMTLISPLMLKKYGIPFDKVTQEAGEFMITFPYGYHAGFNHGFNCAESTNFATRRWIEYGKQAVLCSCRKDMVKISMD
VFVRKFQPERYKLWKAGKDNTVIDHTLPTPEA
;
A,B
2 'polypeptide(L)' ARTKQTAR(M3L)STGGKA F,G
#
loop_
_chem_comp.id
_chem_comp.type
_chem_comp.name
_chem_comp.formula
AKG non-polymer '2-OXOGLUTARIC ACID' 'C5 H6 O5'
NI non-polymer 'NICKEL (II) ION' 'Ni 2'
ZN non-polymer 'ZINC ION' 'Zn 2'
#
# COMPACT_ATOMS: atom_id res chain seq x y z
N SER A 5 13.32 -17.63 -8.78
CA SER A 5 12.28 -17.51 -9.83
C SER A 5 12.61 -16.38 -10.82
N GLU A 6 12.68 -16.75 -12.10
CA GLU A 6 13.12 -15.87 -13.19
C GLU A 6 12.20 -14.67 -13.45
N SER A 7 10.88 -14.91 -13.44
CA SER A 7 9.90 -13.85 -13.65
C SER A 7 9.91 -12.79 -12.55
N GLU A 8 10.18 -13.22 -11.32
CA GLU A 8 10.16 -12.33 -10.15
C GLU A 8 11.31 -11.33 -10.14
N THR A 9 12.43 -11.69 -10.78
CA THR A 9 13.60 -10.83 -10.89
C THR A 9 13.41 -9.68 -11.90
N LEU A 10 12.54 -9.88 -12.89
CA LEU A 10 12.33 -8.90 -13.96
C LEU A 10 11.35 -7.82 -13.49
N ASN A 11 11.71 -6.56 -13.74
CA ASN A 11 10.96 -5.40 -13.23
C ASN A 11 10.52 -5.62 -11.78
N PRO A 12 11.51 -5.72 -10.85
CA PRO A 12 11.19 -6.11 -9.47
C PRO A 12 10.49 -4.99 -8.69
N SER A 13 10.65 -3.75 -9.14
CA SER A 13 9.98 -2.60 -8.54
C SER A 13 8.61 -2.36 -9.16
N ALA A 14 8.23 -3.21 -10.12
CA ALA A 14 6.95 -3.12 -10.83
C ALA A 14 6.67 -1.70 -11.36
N ARG A 15 7.73 -1.10 -11.89
CA ARG A 15 7.65 0.25 -12.43
C ARG A 15 7.13 0.17 -13.87
N ILE A 16 6.40 1.21 -14.29
CA ILE A 16 5.89 1.33 -15.66
C ILE A 16 7.08 1.40 -16.63
N MET A 17 7.13 0.49 -17.58
CA MET A 17 8.21 0.43 -18.57
C MET A 17 7.77 1.07 -19.88
N THR A 18 8.72 1.63 -20.62
CA THR A 18 8.47 2.25 -21.94
C THR A 18 9.32 1.52 -23.00
N PHE A 19 8.69 1.14 -24.11
CA PHE A 19 9.37 0.39 -25.19
C PHE A 19 9.37 1.16 -26.51
N TYR A 20 10.43 0.97 -27.28
CA TYR A 20 10.60 1.62 -28.56
C TYR A 20 10.89 0.54 -29.60
N PRO A 21 9.85 -0.17 -30.09
CA PRO A 21 10.11 -1.21 -31.08
C PRO A 21 10.60 -0.64 -32.40
N THR A 22 11.44 -1.40 -33.10
CA THR A 22 11.69 -1.15 -34.51
C THR A 22 10.44 -1.59 -35.30
N MET A 23 10.37 -1.19 -36.57
CA MET A 23 9.25 -1.57 -37.44
C MET A 23 9.09 -3.08 -37.56
N GLU A 24 10.20 -3.80 -37.58
CA GLU A 24 10.20 -5.27 -37.66
C GLU A 24 9.56 -5.89 -36.41
N GLU A 25 9.94 -5.39 -35.24
CA GLU A 25 9.37 -5.85 -33.97
C GLU A 25 7.89 -5.47 -33.83
N PHE A 26 7.54 -4.33 -34.42
CA PHE A 26 6.21 -3.74 -34.30
C PHE A 26 5.11 -4.48 -35.06
N ARG A 27 5.50 -5.14 -36.16
CA ARG A 27 4.52 -5.79 -37.06
C ARG A 27 3.67 -6.90 -36.43
N ASN A 28 4.25 -7.66 -35.50
CA ASN A 28 3.54 -8.77 -34.85
C ASN A 28 3.11 -8.34 -33.47
N PHE A 29 1.81 -8.05 -33.34
CA PHE A 29 1.27 -7.48 -32.12
C PHE A 29 1.37 -8.45 -30.95
N SER A 30 0.78 -9.64 -31.13
CA SER A 30 0.77 -10.66 -30.09
C SER A 30 2.21 -11.03 -29.70
N ARG A 31 3.10 -11.10 -30.68
CA ARG A 31 4.51 -11.40 -30.40
C ARG A 31 5.11 -10.30 -29.54
N TYR A 32 4.84 -9.04 -29.88
CA TYR A 32 5.45 -7.95 -29.12
C TYR A 32 4.91 -7.86 -27.71
N ILE A 33 3.62 -8.14 -27.53
CA ILE A 33 3.03 -8.19 -26.19
C ILE A 33 3.72 -9.29 -25.37
N ALA A 34 3.90 -10.47 -25.97
CA ALA A 34 4.68 -11.53 -25.32
C ALA A 34 6.11 -11.08 -24.94
N TYR A 35 6.76 -10.32 -25.83
CA TYR A 35 8.10 -9.77 -25.55
C TYR A 35 8.11 -8.82 -24.35
N ILE A 36 7.18 -7.87 -24.31
CA ILE A 36 7.21 -6.90 -23.22
C ILE A 36 6.92 -7.59 -21.87
N GLU A 37 6.10 -8.64 -21.91
CA GLU A 37 5.90 -9.51 -20.73
C GLU A 37 7.15 -10.29 -20.31
N SER A 38 7.94 -10.75 -21.28
CA SER A 38 9.25 -11.34 -20.98
C SER A 38 10.18 -10.35 -20.26
N GLN A 39 9.97 -9.05 -20.45
CA GLN A 39 10.75 -8.03 -19.73
C GLN A 39 10.12 -7.57 -18.40
N GLY A 40 8.96 -8.14 -18.06
CA GLY A 40 8.30 -7.90 -16.78
C GLY A 40 7.39 -6.69 -16.76
N ALA A 41 7.01 -6.21 -17.96
CA ALA A 41 6.22 -4.96 -18.09
C ALA A 41 4.85 -5.11 -17.43
N HIS A 42 4.27 -6.29 -17.55
CA HIS A 42 2.95 -6.56 -16.97
C HIS A 42 2.90 -6.38 -15.46
N ARG A 43 4.06 -6.43 -14.81
CA ARG A 43 4.11 -6.23 -13.36
C ARG A 43 3.65 -4.85 -12.92
N ALA A 44 3.84 -3.83 -13.78
CA ALA A 44 3.32 -2.48 -13.51
C ALA A 44 1.79 -2.35 -13.64
N GLY A 45 1.17 -3.18 -14.47
CA GLY A 45 -0.24 -2.99 -14.84
C GLY A 45 -0.42 -2.11 -16.08
N LEU A 46 0.64 -1.39 -16.44
CA LEU A 46 0.63 -0.41 -17.54
C LEU A 46 2.01 -0.38 -18.18
N ALA A 47 2.04 -0.28 -19.52
CA ALA A 47 3.29 -0.03 -20.26
C ALA A 47 3.03 0.93 -21.43
N LYS A 48 4.05 1.72 -21.76
CA LYS A 48 4.00 2.60 -22.91
C LYS A 48 4.78 1.96 -24.04
N VAL A 49 4.20 1.98 -25.24
CA VAL A 49 4.89 1.55 -26.44
C VAL A 49 4.93 2.70 -27.44
N VAL A 50 6.14 3.16 -27.73
CA VAL A 50 6.33 4.23 -28.70
C VAL A 50 6.62 3.59 -30.06
N PRO A 51 5.73 3.79 -31.04
CA PRO A 51 5.87 3.10 -32.31
C PRO A 51 6.97 3.73 -33.15
N PRO A 52 7.46 3.02 -34.18
CA PRO A 52 8.48 3.57 -35.07
C PRO A 52 8.02 4.90 -35.67
N LYS A 53 8.93 5.87 -35.78
CA LYS A 53 8.60 7.20 -36.29
C LYS A 53 8.00 7.16 -37.70
N GLU A 54 8.38 6.13 -38.46
CA GLU A 54 7.91 5.93 -39.82
C GLU A 54 6.49 5.34 -39.90
N TRP A 55 5.90 5.04 -38.75
CA TRP A 55 4.55 4.47 -38.73
C TRP A 55 3.48 5.53 -38.44
N LYS A 56 2.38 5.46 -39.18
CA LYS A 56 1.24 6.36 -39.03
C LYS A 56 -0.05 5.61 -39.32
N PRO A 57 -1.07 5.77 -38.45
CA PRO A 57 -2.35 5.09 -38.65
C PRO A 57 -3.32 5.82 -39.57
N ARG A 58 -3.03 7.09 -39.87
CA ARG A 58 -3.89 7.96 -40.65
C ARG A 58 -3.05 9.10 -41.24
N ALA A 59 -3.35 9.46 -42.49
CA ALA A 59 -2.64 10.53 -43.19
C ALA A 59 -2.79 11.89 -42.50
N SER A 60 -4.03 12.28 -42.22
CA SER A 60 -4.33 13.52 -41.49
C SER A 60 -5.70 13.43 -40.82
N TYR A 61 -5.86 14.21 -39.77
CA TYR A 61 -7.09 14.24 -38.99
C TYR A 61 -7.88 15.53 -39.30
N ASP A 62 -7.74 16.01 -40.54
CA ASP A 62 -8.38 17.26 -40.94
C ASP A 62 -9.78 17.08 -41.53
N ASP A 63 -10.18 15.82 -41.67
CA ASP A 63 -11.48 15.48 -42.26
C ASP A 63 -12.54 15.00 -41.25
N ILE A 64 -12.35 15.28 -39.96
CA ILE A 64 -13.22 14.67 -38.94
C ILE A 64 -14.15 15.62 -38.19
N ASP A 65 -14.11 16.91 -38.56
CA ASP A 65 -14.89 17.94 -37.89
C ASP A 65 -16.39 17.62 -37.76
N ASP A 66 -16.94 16.94 -38.77
CA ASP A 66 -18.35 16.55 -38.80
C ASP A 66 -18.66 15.21 -38.09
N LEU A 67 -17.64 14.50 -37.62
CA LEU A 67 -17.87 13.28 -36.85
C LEU A 67 -18.74 13.58 -35.61
N VAL A 68 -19.82 12.81 -35.44
CA VAL A 68 -20.77 13.00 -34.35
C VAL A 68 -20.27 12.27 -33.09
N ILE A 69 -20.33 12.98 -31.96
CA ILE A 69 -20.20 12.39 -30.61
C ILE A 69 -21.62 12.34 -30.06
N PRO A 70 -22.27 11.16 -30.14
CA PRO A 70 -23.71 11.03 -29.85
C PRO A 70 -24.15 11.19 -28.37
N ALA A 71 -23.22 10.98 -27.44
CA ALA A 71 -23.52 10.98 -26.02
C ALA A 71 -22.41 11.64 -25.21
N PRO A 72 -22.17 12.94 -25.43
CA PRO A 72 -21.13 13.55 -24.58
C PRO A 72 -21.56 13.56 -23.11
N ILE A 73 -20.60 13.49 -22.20
CA ILE A 73 -20.91 13.42 -20.78
C ILE A 73 -20.25 14.55 -20.02
N GLN A 74 -21.05 15.28 -19.24
CA GLN A 74 -20.50 16.28 -18.34
C GLN A 74 -20.12 15.61 -17.00
N GLN A 75 -18.89 15.82 -16.58
CA GLN A 75 -18.34 15.08 -15.45
C GLN A 75 -18.45 15.88 -14.16
N LEU A 76 -19.45 15.55 -13.36
CA LEU A 76 -19.64 16.21 -12.08
C LEU A 76 -18.92 15.42 -11.00
N VAL A 77 -17.97 16.06 -10.31
CA VAL A 77 -17.13 15.36 -9.33
C VAL A 77 -17.44 15.92 -7.94
N THR A 78 -17.66 15.01 -6.98
CA THR A 78 -17.95 15.37 -5.61
C THR A 78 -16.96 14.72 -4.66
N GLY A 79 -16.43 15.53 -3.76
CA GLY A 79 -15.57 14.99 -2.72
C GLY A 79 -14.53 15.97 -2.23
N GLN A 80 -13.61 15.48 -1.42
CA GLN A 80 -12.49 16.27 -0.90
C GLN A 80 -11.40 15.35 -0.37
N SER A 81 -10.24 15.95 -0.11
CA SER A 81 -9.16 15.28 0.62
C SER A 81 -8.67 14.06 -0.13
N GLY A 82 -8.59 14.14 -1.46
CA GLY A 82 -8.10 13.05 -2.28
C GLY A 82 -9.06 11.89 -2.59
N LEU A 83 -10.31 12.00 -2.16
CA LEU A 83 -11.34 10.99 -2.44
C LEU A 83 -12.61 11.59 -3.03
N PHE A 84 -12.98 11.09 -4.21
CA PHE A 84 -14.02 11.72 -5.04
C PHE A 84 -14.89 10.65 -5.68
N THR A 85 -16.15 11.00 -5.92
CA THR A 85 -17.05 10.21 -6.74
C THR A 85 -17.45 11.04 -7.94
N GLN A 86 -17.29 10.45 -9.13
CA GLN A 86 -17.62 11.16 -10.37
C GLN A 86 -18.97 10.74 -10.91
N TYR A 87 -19.85 11.71 -11.14
CA TYR A 87 -21.20 11.49 -11.69
C TYR A 87 -21.28 11.97 -13.15
N ASN A 88 -21.90 11.16 -14.01
CA ASN A 88 -21.87 11.43 -15.45
C ASN A 88 -23.18 12.00 -15.93
N ILE A 89 -23.20 13.25 -16.38
CA ILE A 89 -24.44 13.83 -16.91
C ILE A 89 -24.38 13.86 -18.44
N GLN A 90 -25.22 13.06 -19.08
CA GLN A 90 -25.22 12.99 -20.53
C GLN A 90 -25.90 14.21 -21.15
N LYS A 91 -25.20 14.80 -22.11
CA LYS A 91 -25.63 15.97 -22.84
C LYS A 91 -26.03 15.55 -24.26
N LYS A 92 -26.61 16.48 -25.00
CA LYS A 92 -27.04 16.19 -26.37
C LYS A 92 -25.85 15.96 -27.31
N ALA A 93 -26.08 15.15 -28.33
CA ALA A 93 -25.11 14.91 -29.39
C ALA A 93 -24.49 16.21 -29.90
N MET A 94 -23.20 16.14 -30.21
CA MET A 94 -22.47 17.26 -30.81
C MET A 94 -21.38 16.73 -31.72
N THR A 95 -20.93 17.58 -32.64
CA THR A 95 -19.90 17.24 -33.61
C THR A 95 -18.53 17.51 -33.00
N VAL A 96 -17.49 16.89 -33.56
CA VAL A 96 -16.11 17.19 -33.15
C VAL A 96 -15.80 18.71 -33.21
N ARG A 97 -16.37 19.39 -34.22
CA ARG A 97 -16.19 20.83 -34.38
C ARG A 97 -16.80 21.63 -33.23
N GLU A 98 -18.04 21.27 -32.84
CA GLU A 98 -18.71 21.86 -31.67
C GLU A 98 -17.97 21.56 -30.36
N PHE A 99 -17.37 20.37 -30.27
CA PHE A 99 -16.66 19.94 -29.06
C PHE A 99 -15.33 20.65 -28.88
N ARG A 100 -14.54 20.74 -29.97
CA ARG A 100 -13.22 21.38 -29.95
C ARG A 100 -13.33 22.88 -29.57
N LYS A 101 -14.37 23.55 -30.06
CA LYS A 101 -14.65 24.96 -29.72
C LYS A 101 -14.83 25.10 -28.20
N ILE A 102 -15.74 24.31 -27.64
CA ILE A 102 -15.90 24.22 -26.18
C ILE A 102 -14.57 23.92 -25.48
N ALA A 103 -13.85 22.90 -25.95
CA ALA A 103 -12.59 22.46 -25.34
C ALA A 103 -11.54 23.59 -25.22
N ASN A 104 -11.42 24.40 -26.27
CA ASN A 104 -10.42 25.48 -26.31
C ASN A 104 -10.93 26.82 -25.78
N SER A 105 -12.23 26.90 -25.46
CA SER A 105 -12.84 28.15 -24.99
C SER A 105 -12.19 28.59 -23.70
N ASP A 106 -12.24 29.88 -23.41
CA ASP A 106 -11.66 30.46 -22.20
C ASP A 106 -12.09 29.70 -20.95
N LYS A 107 -13.33 29.22 -20.96
CA LYS A 107 -13.94 28.54 -19.81
C LYS A 107 -13.33 27.17 -19.50
N TYR A 108 -12.93 26.42 -20.53
CA TYR A 108 -12.58 25.01 -20.34
C TYR A 108 -11.12 24.65 -20.64
N CYS A 109 -10.35 25.59 -21.18
CA CYS A 109 -8.98 25.27 -21.64
C CYS A 109 -7.98 25.04 -20.51
N THR A 110 -6.89 24.35 -20.83
CA THR A 110 -5.78 24.06 -19.90
C THR A 110 -5.23 25.33 -19.23
N PRO A 111 -5.12 25.32 -17.88
CA PRO A 111 -4.43 26.44 -17.21
C PRO A 111 -2.96 26.53 -17.62
N ARG A 112 -2.36 27.71 -17.52
CA ARG A 112 -0.92 27.84 -17.70
C ARG A 112 -0.20 27.11 -16.56
N TYR A 113 0.92 26.47 -16.89
CA TYR A 113 1.71 25.72 -15.92
C TYR A 113 3.16 25.56 -16.41
N SER A 114 4.06 25.34 -15.46
CA SER A 114 5.49 25.14 -15.75
C SER A 114 5.79 23.68 -16.06
N GLU A 115 5.85 22.86 -15.00
CA GLU A 115 6.10 21.43 -15.14
C GLU A 115 4.80 20.67 -14.92
N PHE A 116 4.79 19.41 -15.33
CA PHE A 116 3.63 18.52 -15.16
C PHE A 116 3.14 18.45 -13.71
N GLU A 117 4.09 18.47 -12.78
CA GLU A 117 3.83 18.46 -11.34
C GLU A 117 2.86 19.58 -10.94
N GLU A 118 3.05 20.76 -11.52
CA GLU A 118 2.16 21.90 -11.34
C GLU A 118 0.76 21.65 -11.93
N LEU A 119 0.71 21.06 -13.13
CA LEU A 119 -0.57 20.75 -13.76
C LEU A 119 -1.33 19.65 -13.02
N GLU A 120 -0.57 18.72 -12.45
CA GLU A 120 -1.16 17.65 -11.67
C GLU A 120 -1.79 18.19 -10.38
N ARG A 121 -1.10 19.13 -9.73
CA ARG A 121 -1.62 19.82 -8.54
C ARG A 121 -2.91 20.58 -8.85
N LYS A 122 -2.93 21.29 -9.98
CA LYS A 122 -4.12 22.02 -10.44
C LYS A 122 -5.27 21.07 -10.75
N TYR A 123 -4.96 19.92 -11.35
CA TYR A 123 -6.00 18.90 -11.57
C TYR A 123 -6.63 18.47 -10.23
N TRP A 124 -5.79 18.09 -9.27
CA TRP A 124 -6.31 17.59 -7.99
C TRP A 124 -6.96 18.66 -7.12
N LYS A 125 -6.62 19.93 -7.39
CA LYS A 125 -7.21 21.08 -6.68
C LYS A 125 -8.58 21.51 -7.27
N ASN A 126 -8.74 21.37 -8.57
CA ASN A 126 -9.86 21.96 -9.28
C ASN A 126 -10.86 20.97 -9.85
N LEU A 127 -10.66 19.67 -9.62
CA LEU A 127 -11.46 18.68 -10.36
C LEU A 127 -12.96 18.68 -9.98
N THR A 128 -13.32 19.21 -8.81
CA THR A 128 -14.74 19.36 -8.46
C THR A 128 -15.37 20.67 -8.97
N PHE A 129 -14.58 21.51 -9.66
CA PHE A 129 -15.06 22.80 -10.16
C PHE A 129 -15.14 22.81 -11.68
N ASN A 130 -16.01 23.66 -12.23
CA ASN A 130 -16.17 23.81 -13.69
C ASN A 130 -16.30 22.47 -14.44
N PRO A 131 -17.39 21.73 -14.19
CA PRO A 131 -17.44 20.37 -14.74
C PRO A 131 -17.24 20.32 -16.26
N PRO A 132 -16.22 19.57 -16.71
CA PRO A 132 -15.90 19.48 -18.12
C PRO A 132 -16.83 18.48 -18.84
N ILE A 133 -16.74 18.47 -20.17
CA ILE A 133 -17.51 17.56 -20.98
C ILE A 133 -16.51 16.62 -21.64
N TYR A 134 -16.78 15.31 -21.52
CA TYR A 134 -15.94 14.25 -22.12
C TYR A 134 -16.70 13.63 -23.27
N GLY A 135 -16.12 13.66 -24.47
CA GLY A 135 -16.69 12.98 -25.65
C GLY A 135 -16.30 11.52 -25.67
N ALA A 136 -16.76 10.78 -24.67
CA ALA A 136 -16.32 9.42 -24.41
C ALA A 136 -17.18 8.36 -25.11
N ASP A 137 -16.60 7.17 -25.30
CA ASP A 137 -17.35 5.98 -25.77
C ASP A 137 -17.97 6.16 -27.15
N VAL A 138 -17.27 6.82 -28.05
CA VAL A 138 -17.78 6.97 -29.44
C VAL A 138 -17.33 5.74 -30.24
N ASN A 139 -18.31 5.04 -30.78
CA ASN A 139 -18.07 3.88 -31.62
C ASN A 139 -17.34 4.28 -32.88
N GLY A 140 -16.15 3.73 -33.10
CA GLY A 140 -15.41 3.98 -34.34
C GLY A 140 -13.90 3.89 -34.24
N THR A 141 -13.24 4.08 -35.39
CA THR A 141 -11.80 4.10 -35.55
C THR A 141 -11.39 5.32 -36.36
N LEU A 142 -10.18 5.80 -36.13
CA LEU A 142 -9.56 6.76 -37.03
C LEU A 142 -8.40 6.17 -37.85
N TYR A 143 -8.17 4.85 -37.70
CA TYR A 143 -7.17 4.13 -38.51
C TYR A 143 -7.63 4.01 -39.95
N GLU A 144 -6.71 4.21 -40.88
CA GLU A 144 -7.01 3.93 -42.30
C GLU A 144 -7.10 2.42 -42.54
N LYS A 145 -7.95 2.03 -43.48
CA LYS A 145 -8.34 0.63 -43.68
C LYS A 145 -7.17 -0.34 -43.92
N HIS A 146 -6.15 0.13 -44.63
CA HIS A 146 -5.00 -0.67 -45.05
C HIS A 146 -3.96 -0.93 -43.94
N VAL A 147 -4.02 -0.17 -42.83
CA VAL A 147 -3.00 -0.24 -41.77
C VAL A 147 -3.02 -1.59 -41.03
N ASP A 148 -1.97 -2.38 -41.24
CA ASP A 148 -1.92 -3.75 -40.73
C ASP A 148 -1.28 -3.90 -39.35
N GLU A 149 -0.56 -2.87 -38.91
CA GLU A 149 0.20 -2.95 -37.66
C GLU A 149 -0.55 -2.26 -36.54
N TRP A 150 -0.77 -3.01 -35.46
CA TRP A 150 -1.39 -2.48 -34.24
C TRP A 150 -2.70 -1.76 -34.51
N ASN A 151 -3.48 -2.30 -35.43
CA ASN A 151 -4.77 -1.73 -35.80
C ASN A 151 -5.79 -2.12 -34.75
N ILE A 152 -6.17 -1.14 -33.96
CA ILE A 152 -7.06 -1.33 -32.80
C ILE A 152 -8.42 -1.98 -33.16
N GLY A 153 -8.84 -1.78 -34.40
CA GLY A 153 -10.07 -2.40 -34.91
C GLY A 153 -9.92 -3.84 -35.41
N ARG A 154 -8.69 -4.36 -35.45
CA ARG A 154 -8.46 -5.75 -35.83
C ARG A 154 -7.09 -6.25 -35.38
N LEU A 155 -6.96 -6.50 -34.08
CA LEU A 155 -5.67 -6.92 -33.51
C LEU A 155 -5.44 -8.41 -33.64
N ARG A 156 -6.51 -9.17 -33.88
CA ARG A 156 -6.45 -10.61 -34.15
C ARG A 156 -5.97 -11.47 -32.98
N THR A 157 -6.24 -11.01 -31.76
CA THR A 157 -5.91 -11.79 -30.56
C THR A 157 -6.99 -12.85 -30.30
N ILE A 158 -6.79 -13.68 -29.27
CA ILE A 158 -7.77 -14.73 -28.96
C ILE A 158 -9.12 -14.17 -28.44
N LEU A 159 -9.18 -12.90 -28.10
CA LEU A 159 -10.46 -12.25 -27.76
C LEU A 159 -11.45 -12.40 -28.93
N ASP A 160 -10.91 -12.55 -30.15
CA ASP A 160 -11.74 -12.83 -31.34
C ASP A 160 -12.59 -14.08 -31.23
N LEU A 161 -12.24 -15.00 -30.33
CA LEU A 161 -13.06 -16.20 -30.11
C LEU A 161 -14.49 -15.92 -29.60
N VAL A 162 -14.68 -14.79 -28.95
CA VAL A 162 -16.01 -14.40 -28.45
C VAL A 162 -16.98 -14.24 -29.63
N GLU A 163 -16.71 -13.28 -30.50
CA GLU A 163 -17.53 -13.07 -31.71
C GLU A 163 -17.54 -14.33 -32.60
N LYS A 164 -16.36 -14.90 -32.84
CA LYS A 164 -16.22 -16.12 -33.68
C LYS A 164 -17.22 -17.20 -33.29
N GLU A 165 -17.28 -17.52 -32.00
CA GLU A 165 -18.11 -18.62 -31.51
C GLU A 165 -19.58 -18.24 -31.31
N SER A 166 -19.86 -16.99 -30.93
CA SER A 166 -21.21 -16.62 -30.49
C SER A 166 -21.90 -15.52 -31.31
N GLY A 167 -21.11 -14.77 -32.07
CA GLY A 167 -21.62 -13.69 -32.92
C GLY A 167 -21.72 -12.40 -32.14
N ILE A 168 -21.37 -12.48 -30.86
CA ILE A 168 -21.53 -11.38 -29.92
C ILE A 168 -20.49 -10.29 -30.07
N THR A 169 -21.01 -9.07 -30.28
CA THR A 169 -20.25 -7.85 -30.29
C THR A 169 -20.53 -7.11 -28.98
N ILE A 170 -19.46 -6.66 -28.34
CA ILE A 170 -19.55 -5.89 -27.09
C ILE A 170 -18.82 -4.58 -27.34
N GLU A 171 -19.57 -3.49 -27.52
CA GLU A 171 -19.02 -2.20 -27.92
C GLU A 171 -17.93 -1.74 -26.98
N GLY A 172 -16.79 -1.37 -27.55
CA GLY A 172 -15.62 -0.91 -26.80
C GLY A 172 -14.73 -2.04 -26.27
N VAL A 173 -15.24 -3.26 -26.30
CA VAL A 173 -14.52 -4.42 -25.76
C VAL A 173 -13.93 -5.24 -26.89
N ASN A 174 -14.77 -5.72 -27.80
CA ASN A 174 -14.24 -6.31 -29.02
C ASN A 174 -14.51 -5.41 -30.25
N THR A 175 -14.84 -4.15 -29.99
CA THR A 175 -14.89 -3.10 -31.05
C THR A 175 -14.22 -1.81 -30.51
N PRO A 176 -13.79 -0.88 -31.39
CA PRO A 176 -13.05 0.28 -30.88
C PRO A 176 -13.94 1.43 -30.40
N TYR A 177 -13.43 2.18 -29.42
CA TYR A 177 -14.03 3.41 -28.94
C TYR A 177 -13.08 4.59 -29.19
N LEU A 178 -13.67 5.76 -29.48
CA LEU A 178 -12.93 7.01 -29.54
C LEU A 178 -13.27 7.86 -28.33
N TYR A 179 -12.29 8.65 -27.88
CA TYR A 179 -12.47 9.49 -26.70
C TYR A 179 -11.91 10.85 -27.01
N PHE A 180 -12.79 11.84 -27.08
CA PHE A 180 -12.38 13.20 -27.26
C PHE A 180 -12.37 13.84 -25.90
N GLY A 181 -11.17 14.21 -25.45
CA GLY A 181 -10.99 14.81 -24.14
C GLY A 181 -10.86 16.32 -24.20
N MET A 182 -11.06 16.97 -23.06
CA MET A 182 -10.71 18.37 -22.87
C MET A 182 -10.02 18.41 -21.51
N TRP A 183 -9.46 19.56 -21.13
CA TRP A 183 -8.82 19.69 -19.82
C TRP A 183 -9.71 19.16 -18.69
N LYS A 184 -9.11 18.37 -17.80
CA LYS A 184 -9.74 17.97 -16.53
C LYS A 184 -10.78 16.86 -16.68
N THR A 185 -10.98 16.34 -17.90
CA THR A 185 -11.78 15.11 -18.07
C THR A 185 -10.98 13.92 -17.53
N SER A 186 -11.68 12.99 -16.88
CA SER A 186 -11.06 11.97 -16.05
C SER A 186 -11.58 10.58 -16.38
N PHE A 187 -10.76 9.57 -16.10
CA PHE A 187 -11.23 8.19 -16.07
C PHE A 187 -10.87 7.65 -14.69
N ALA A 188 -11.90 7.15 -14.00
CA ALA A 188 -11.81 6.71 -12.64
C ALA A 188 -10.99 5.42 -12.52
N TRP A 189 -10.58 5.08 -11.31
CA TRP A 189 -9.90 3.80 -11.02
C TRP A 189 -10.70 2.57 -11.44
N HIS A 190 -10.13 1.76 -12.32
CA HIS A 190 -10.79 0.53 -12.74
C HIS A 190 -9.77 -0.49 -13.28
N THR A 191 -10.20 -1.75 -13.32
CA THR A 191 -9.58 -2.71 -14.23
C THR A 191 -10.52 -2.87 -15.42
N GLU A 192 -10.07 -3.55 -16.48
CA GLU A 192 -10.95 -3.77 -17.63
C GLU A 192 -12.07 -4.74 -17.35
N ASP A 193 -13.12 -4.67 -18.18
CA ASP A 193 -14.16 -5.69 -18.15
C ASP A 193 -13.53 -7.08 -18.26
N MET A 194 -13.98 -8.00 -17.40
CA MET A 194 -13.44 -9.38 -17.38
C MET A 194 -11.92 -9.43 -17.10
N ASP A 195 -11.39 -8.34 -16.57
CA ASP A 195 -9.95 -8.17 -16.30
C ASP A 195 -9.08 -8.44 -17.54
N LEU A 196 -9.58 -8.02 -18.70
CA LEU A 196 -8.85 -8.06 -19.95
C LEU A 196 -7.68 -7.05 -20.01
N TYR A 197 -6.87 -7.18 -21.06
CA TYR A 197 -5.89 -6.15 -21.43
C TYR A 197 -6.65 -5.03 -22.14
N SER A 198 -6.07 -3.83 -22.15
CA SER A 198 -6.55 -2.82 -23.10
C SER A 198 -5.36 -2.23 -23.85
N ILE A 199 -5.66 -1.61 -24.99
CA ILE A 199 -4.72 -0.83 -25.76
C ILE A 199 -5.33 0.57 -25.95
N ASN A 200 -4.54 1.62 -25.79
CA ASN A 200 -5.02 3.00 -25.92
C ASN A 200 -4.03 3.78 -26.76
N TYR A 201 -4.46 4.27 -27.91
CA TYR A 201 -3.61 5.07 -28.77
C TYR A 201 -4.08 6.52 -28.77
N LEU A 202 -3.17 7.45 -28.48
CA LEU A 202 -3.53 8.87 -28.49
C LEU A 202 -3.25 9.41 -29.88
N HIS A 203 -4.31 9.53 -30.68
CA HIS A 203 -4.24 10.05 -32.06
C HIS A 203 -3.63 11.43 -32.19
N PHE A 204 -4.13 12.41 -31.42
CA PHE A 204 -3.65 13.78 -31.50
C PHE A 204 -4.02 14.58 -30.25
N GLY A 205 -3.36 15.72 -30.09
CA GLY A 205 -3.73 16.67 -29.05
C GLY A 205 -2.86 16.61 -27.83
N GLU A 206 -3.39 17.17 -26.75
CA GLU A 206 -2.66 17.30 -25.51
C GLU A 206 -2.55 15.94 -24.83
N PRO A 207 -1.58 15.79 -23.91
CA PRO A 207 -1.29 14.49 -23.29
C PRO A 207 -2.44 13.93 -22.43
N LYS A 208 -2.37 12.64 -22.16
CA LYS A 208 -3.28 11.98 -21.23
C LYS A 208 -2.37 11.39 -20.15
N SER A 209 -2.60 11.75 -18.89
CA SER A 209 -1.79 11.24 -17.80
C SER A 209 -2.45 10.04 -17.12
N TRP A 210 -1.62 9.08 -16.73
CA TRP A 210 -2.07 7.82 -16.18
C TRP A 210 -1.47 7.53 -14.81
N TYR A 211 -2.26 6.89 -13.95
CA TYR A 211 -1.79 6.28 -12.72
C TYR A 211 -2.10 4.80 -12.81
N SER A 212 -1.27 3.97 -12.16
CA SER A 212 -1.43 2.54 -12.26
C SER A 212 -1.04 1.90 -10.94
N VAL A 213 -1.69 0.81 -10.58
CA VAL A 213 -1.31 0.05 -9.41
C VAL A 213 -0.93 -1.36 -9.88
N PRO A 214 0.24 -1.88 -9.47
CA PRO A 214 0.62 -3.25 -9.89
C PRO A 214 -0.48 -4.25 -9.60
N PRO A 215 -0.77 -5.15 -10.56
CA PRO A 215 -1.75 -6.22 -10.30
C PRO A 215 -1.49 -6.97 -8.98
N GLU A 216 -0.21 -7.11 -8.60
CA GLU A 216 0.24 -7.72 -7.35
C GLU A 216 -0.33 -7.01 -6.12
N HIS A 217 -0.66 -5.73 -6.27
CA HIS A 217 -1.20 -4.93 -5.17
C HIS A 217 -2.65 -4.49 -5.40
N GLY A 218 -3.28 -4.98 -6.47
CA GLY A 218 -4.68 -4.59 -6.78
C GLY A 218 -5.63 -4.83 -5.61
N LYS A 219 -5.49 -5.98 -4.97
CA LYS A 219 -6.32 -6.32 -3.82
C LYS A 219 -6.19 -5.32 -2.67
N ARG A 220 -5.00 -4.74 -2.49
CA ARG A 220 -4.78 -3.73 -1.47
C ARG A 220 -5.53 -2.43 -1.76
N LEU A 221 -5.53 -2.00 -3.02
CA LEU A 221 -6.35 -0.88 -3.46
C LEU A 221 -7.85 -1.11 -3.20
N GLU A 222 -8.35 -2.29 -3.57
CA GLU A 222 -9.76 -2.68 -3.29
C GLU A 222 -10.11 -2.57 -1.79
N ARG A 223 -9.25 -3.10 -0.92
CA ARG A 223 -9.43 -3.01 0.54
C ARG A 223 -9.54 -1.57 1.04
N LEU A 224 -8.67 -0.70 0.49
CA LEU A 224 -8.72 0.72 0.82
C LEU A 224 -10.02 1.37 0.35
N ALA A 225 -10.36 1.11 -0.92
CA ALA A 225 -11.54 1.65 -1.54
C ALA A 225 -12.81 1.24 -0.77
N LYS A 226 -12.92 -0.05 -0.45
CA LYS A 226 -14.03 -0.59 0.34
C LYS A 226 -14.14 0.08 1.71
N GLY A 227 -13.00 0.46 2.26
CA GLY A 227 -12.93 1.18 3.52
C GLY A 227 -13.36 2.63 3.38
N PHE A 228 -12.98 3.27 2.27
CA PHE A 228 -13.37 4.65 1.97
C PHE A 228 -14.83 4.80 1.53
N PHE A 229 -15.44 3.71 1.07
CA PHE A 229 -16.81 3.72 0.56
C PHE A 229 -17.53 2.44 1.03
N PRO A 230 -17.86 2.37 2.33
CA PRO A 230 -18.47 1.17 2.90
C PRO A 230 -19.87 0.88 2.33
N GLY A 231 -20.58 1.96 1.97
CA GLY A 231 -21.93 1.84 1.41
C GLY A 231 -21.93 1.18 0.05
N SER A 232 -21.05 1.64 -0.83
CA SER A 232 -20.88 1.06 -2.16
C SER A 232 -20.42 -0.40 -2.15
N ALA A 233 -19.54 -0.73 -1.19
CA ALA A 233 -19.04 -2.09 -1.02
C ALA A 233 -20.15 -3.09 -0.69
N GLN A 234 -21.06 -2.70 0.20
CA GLN A 234 -22.17 -3.57 0.60
C GLN A 234 -23.18 -3.80 -0.54
N SER A 235 -23.30 -2.81 -1.42
CA SER A 235 -24.27 -2.83 -2.52
C SER A 235 -23.83 -3.64 -3.74
N CYS A 236 -22.52 -3.76 -3.93
CA CYS A 236 -21.98 -4.38 -5.12
C CYS A 236 -20.65 -5.07 -4.79
N GLU A 237 -20.40 -6.22 -5.41
CA GLU A 237 -19.20 -7.01 -5.11
C GLU A 237 -17.94 -6.44 -5.78
N ALA A 238 -18.14 -5.56 -6.76
CA ALA A 238 -17.01 -4.99 -7.49
C ALA A 238 -17.37 -3.55 -7.88
N PHE A 239 -17.60 -2.71 -6.88
CA PHE A 239 -18.10 -1.34 -7.10
C PHE A 239 -17.16 -0.45 -7.92
N LEU A 240 -15.86 -0.73 -7.90
CA LEU A 240 -14.92 0.01 -8.76
C LEU A 240 -15.25 -0.12 -10.25
N ARG A 241 -15.99 -1.17 -10.62
CA ARG A 241 -16.39 -1.36 -12.03
C ARG A 241 -17.42 -0.29 -12.46
N HIS A 242 -18.04 0.39 -11.51
CA HIS A 242 -18.92 1.51 -11.87
C HIS A 242 -18.13 2.66 -12.48
N LYS A 243 -16.80 2.61 -12.33
CA LYS A 243 -15.87 3.65 -12.80
C LYS A 243 -16.30 5.05 -12.33
N MET A 244 -16.61 5.16 -11.05
CA MET A 244 -17.00 6.44 -10.45
C MET A 244 -16.01 6.94 -9.39
N THR A 245 -15.01 6.12 -9.07
CA THR A 245 -14.18 6.38 -7.89
C THR A 245 -12.81 6.99 -8.27
N LEU A 246 -12.56 8.21 -7.79
CA LEU A 246 -11.28 8.88 -8.04
C LEU A 246 -10.52 8.95 -6.74
N ILE A 247 -9.23 8.62 -6.77
CA ILE A 247 -8.37 8.63 -5.59
C ILE A 247 -7.02 9.23 -5.96
N SER A 248 -6.63 10.30 -5.27
CA SER A 248 -5.40 11.03 -5.60
C SER A 248 -4.15 10.20 -5.27
N PRO A 249 -3.01 10.50 -5.92
CA PRO A 249 -1.74 9.86 -5.60
C PRO A 249 -1.31 10.11 -4.16
N LEU A 250 -1.58 11.29 -3.62
CA LEU A 250 -1.28 11.57 -2.22
C LEU A 250 -2.02 10.67 -1.20
N MET A 251 -3.29 10.36 -1.52
CA MET A 251 -4.08 9.40 -0.74
C MET A 251 -3.48 7.97 -0.84
N LEU A 252 -3.11 7.55 -2.04
CA LEU A 252 -2.43 6.25 -2.21
C LEU A 252 -1.13 6.16 -1.42
N LYS A 253 -0.34 7.24 -1.43
CA LYS A 253 0.92 7.30 -0.66
C LYS A 253 0.66 7.18 0.84
N LYS A 254 -0.32 7.96 1.32
CA LYS A 254 -0.72 8.00 2.73
C LYS A 254 -1.06 6.60 3.24
N TYR A 255 -1.65 5.78 2.40
CA TYR A 255 -2.04 4.42 2.80
C TYR A 255 -1.14 3.31 2.24
N GLY A 256 0.04 3.69 1.76
CA GLY A 256 1.09 2.76 1.36
C GLY A 256 0.70 1.84 0.22
N ILE A 257 -0.15 2.33 -0.69
CA ILE A 257 -0.44 1.59 -1.90
C ILE A 257 0.59 1.94 -2.99
N PRO A 258 1.30 0.90 -3.50
CA PRO A 258 2.30 1.18 -4.54
C PRO A 258 1.59 1.55 -5.82
N PHE A 259 2.14 2.51 -6.53
CA PHE A 259 1.57 2.96 -7.79
C PHE A 259 2.68 3.66 -8.60
N ASP A 260 2.42 3.89 -9.87
CA ASP A 260 3.37 4.63 -10.68
C ASP A 260 2.55 5.59 -11.54
N LYS A 261 3.20 6.57 -12.15
CA LYS A 261 2.51 7.45 -13.09
C LYS A 261 3.28 7.58 -14.39
N VAL A 262 2.56 7.87 -15.47
CA VAL A 262 3.16 8.09 -16.78
C VAL A 262 2.24 9.04 -17.56
N THR A 263 2.85 9.86 -18.40
CA THR A 263 2.11 10.74 -19.27
C THR A 263 2.23 10.24 -20.70
N GLN A 264 1.09 10.00 -21.33
CA GLN A 264 1.04 9.55 -22.73
C GLN A 264 0.96 10.78 -23.67
N GLU A 265 1.86 10.85 -24.66
CA GLU A 265 1.86 11.95 -25.63
C GLU A 265 1.23 11.47 -26.95
N ALA A 266 0.77 12.41 -27.77
CA ALA A 266 0.21 12.08 -29.08
C ALA A 266 1.16 11.17 -29.84
N GLY A 267 0.63 10.16 -30.51
CA GLY A 267 1.46 9.19 -31.22
C GLY A 267 1.92 7.98 -30.41
N GLU A 268 1.58 7.91 -29.13
CA GLU A 268 2.04 6.81 -28.27
C GLU A 268 0.90 5.87 -27.82
N PHE A 269 1.23 4.57 -27.69
CA PHE A 269 0.32 3.55 -27.16
C PHE A 269 0.52 3.30 -25.67
N MET A 270 -0.60 3.09 -24.97
CA MET A 270 -0.54 2.53 -23.62
C MET A 270 -1.19 1.17 -23.67
N ILE A 271 -0.58 0.22 -22.97
CA ILE A 271 -1.15 -1.12 -22.82
C ILE A 271 -1.46 -1.31 -21.34
N THR A 272 -2.68 -1.74 -21.04
CA THR A 272 -2.99 -2.10 -19.67
C THR A 272 -3.11 -3.62 -19.58
N PHE A 273 -2.72 -4.19 -18.46
CA PHE A 273 -2.57 -5.62 -18.31
C PHE A 273 -3.68 -6.16 -17.40
N PRO A 274 -4.01 -7.47 -17.51
CA PRO A 274 -5.04 -8.05 -16.69
C PRO A 274 -4.91 -7.70 -15.22
N TYR A 275 -5.99 -7.20 -14.63
CA TYR A 275 -6.03 -6.85 -13.20
C TYR A 275 -5.11 -5.67 -12.84
N GLY A 276 -4.75 -4.88 -13.84
CA GLY A 276 -3.99 -3.68 -13.59
C GLY A 276 -4.96 -2.51 -13.42
N TYR A 277 -5.10 -2.03 -12.19
CA TYR A 277 -5.92 -0.84 -11.90
C TYR A 277 -5.27 0.41 -12.46
N HIS A 278 -6.05 1.24 -13.17
CA HIS A 278 -5.55 2.49 -13.72
C HIS A 278 -6.64 3.60 -13.65
N ALA A 279 -6.17 4.84 -13.68
CA ALA A 279 -7.02 6.04 -13.60
C ALA A 279 -6.20 7.12 -14.25
N GLY A 280 -6.83 8.26 -14.53
CA GLY A 280 -6.08 9.32 -15.19
C GLY A 280 -6.95 10.49 -15.62
N PHE A 281 -6.33 11.39 -16.38
CA PHE A 281 -6.97 12.62 -16.81
C PHE A 281 -6.35 13.15 -18.10
N ASN A 282 -7.13 13.94 -18.84
CA ASN A 282 -6.62 14.62 -20.02
C ASN A 282 -6.14 16.03 -19.73
N HIS A 283 -5.07 16.43 -20.44
CA HIS A 283 -4.44 17.73 -20.28
C HIS A 283 -5.19 18.84 -21.02
N GLY A 284 -5.86 18.46 -22.10
CA GLY A 284 -6.51 19.43 -22.95
C GLY A 284 -7.16 18.65 -24.06
N PHE A 285 -7.57 19.38 -25.11
CA PHE A 285 -8.23 18.80 -26.28
C PHE A 285 -7.34 17.73 -26.91
N ASN A 286 -7.86 16.51 -26.97
CA ASN A 286 -7.14 15.39 -27.56
C ASN A 286 -8.13 14.37 -28.09
N CYS A 287 -7.63 13.33 -28.73
CA CYS A 287 -8.47 12.23 -29.16
C CYS A 287 -7.72 10.92 -29.04
N ALA A 288 -8.32 9.98 -28.33
CA ALA A 288 -7.75 8.64 -28.11
C ALA A 288 -8.65 7.55 -28.70
N GLU A 289 -8.04 6.45 -29.10
CA GLU A 289 -8.79 5.28 -29.56
C GLU A 289 -8.39 4.06 -28.69
N SER A 290 -9.36 3.27 -28.23
CA SER A 290 -9.04 2.07 -27.46
C SER A 290 -10.01 0.92 -27.62
N THR A 291 -9.52 -0.26 -27.22
CA THR A 291 -10.32 -1.48 -27.21
C THR A 291 -9.68 -2.47 -26.25
N ASN A 292 -10.35 -3.59 -26.00
CA ASN A 292 -9.73 -4.64 -25.19
C ASN A 292 -9.12 -5.72 -26.07
N PHE A 293 -8.28 -6.55 -25.45
CA PHE A 293 -7.73 -7.70 -26.12
C PHE A 293 -7.34 -8.76 -25.09
N ALA A 294 -7.00 -9.94 -25.59
CA ALA A 294 -6.71 -11.07 -24.73
C ALA A 294 -5.44 -11.78 -25.20
N THR A 295 -4.85 -12.53 -24.29
CA THR A 295 -3.77 -13.46 -24.57
C THR A 295 -4.08 -14.66 -23.69
N ARG A 296 -3.32 -15.74 -23.89
CA ARG A 296 -3.54 -16.96 -23.13
C ARG A 296 -3.39 -16.76 -21.63
N ARG A 297 -2.45 -15.90 -21.25
CA ARG A 297 -2.21 -15.53 -19.86
C ARG A 297 -3.45 -14.83 -19.22
N TRP A 298 -4.26 -14.15 -20.03
CA TRP A 298 -5.53 -13.58 -19.52
C TRP A 298 -6.53 -14.62 -19.04
N ILE A 299 -6.49 -15.83 -19.59
CA ILE A 299 -7.56 -16.81 -19.37
C ILE A 299 -7.87 -17.03 -17.90
N GLU A 300 -6.86 -17.29 -17.07
CA GLU A 300 -7.10 -17.47 -15.64
C GLU A 300 -7.71 -16.22 -14.97
N TYR A 301 -7.26 -15.04 -15.37
CA TYR A 301 -7.85 -13.79 -14.89
C TYR A 301 -9.35 -13.72 -15.25
N GLY A 302 -9.68 -14.05 -16.49
CA GLY A 302 -11.08 -14.05 -16.95
C GLY A 302 -11.89 -15.00 -16.11
N LYS A 303 -11.32 -16.16 -15.80
CA LYS A 303 -12.02 -17.16 -15.00
C LYS A 303 -12.33 -16.67 -13.59
N GLN A 304 -11.43 -15.88 -13.02
CA GLN A 304 -11.56 -15.45 -11.63
C GLN A 304 -12.02 -14.00 -11.49
N ALA A 305 -12.35 -13.32 -12.59
CA ALA A 305 -12.72 -11.89 -12.48
C ALA A 305 -14.01 -11.74 -11.66
N VAL A 306 -13.98 -10.80 -10.72
CA VAL A 306 -15.14 -10.55 -9.85
C VAL A 306 -15.96 -9.43 -10.50
N LEU A 307 -17.22 -9.74 -10.82
CA LEU A 307 -18.02 -8.86 -11.67
C LEU A 307 -19.04 -8.03 -10.88
N CYS A 308 -19.42 -6.87 -11.43
CA CYS A 308 -20.44 -6.01 -10.80
C CYS A 308 -21.75 -6.78 -10.68
N SER A 309 -22.30 -6.77 -9.46
CA SER A 309 -23.43 -7.62 -9.08
C SER A 309 -24.76 -6.88 -8.88
N CYS A 310 -24.79 -5.60 -9.20
CA CYS A 310 -25.97 -4.78 -8.92
C CYS A 310 -26.57 -4.21 -10.19
N ARG A 311 -25.93 -4.48 -11.32
CA ARG A 311 -26.42 -4.06 -12.64
C ARG A 311 -26.51 -5.29 -13.55
N LYS A 312 -27.66 -5.45 -14.22
CA LYS A 312 -27.87 -6.55 -15.19
C LYS A 312 -27.43 -6.19 -16.62
N ASP A 313 -26.52 -5.23 -16.74
CA ASP A 313 -26.09 -4.65 -18.01
C ASP A 313 -24.55 -4.60 -18.11
N MET A 314 -23.87 -5.06 -17.06
CA MET A 314 -22.42 -5.07 -17.04
C MET A 314 -21.87 -6.15 -17.99
N VAL A 315 -20.59 -6.06 -18.32
CA VAL A 315 -19.98 -6.97 -19.31
C VAL A 315 -19.56 -8.33 -18.70
N LYS A 316 -20.12 -9.41 -19.27
CA LYS A 316 -19.87 -10.75 -18.81
C LYS A 316 -19.60 -11.62 -20.03
N ILE A 317 -18.36 -12.09 -20.14
CA ILE A 317 -17.96 -12.95 -21.25
C ILE A 317 -17.93 -14.40 -20.75
N SER A 318 -18.56 -15.31 -21.48
CA SER A 318 -18.53 -16.74 -21.20
C SER A 318 -17.10 -17.26 -21.35
N MET A 319 -16.57 -17.87 -20.30
CA MET A 319 -15.19 -18.37 -20.31
C MET A 319 -15.07 -19.76 -20.92
N ASP A 320 -16.21 -20.43 -21.08
CA ASP A 320 -16.26 -21.83 -21.48
C ASP A 320 -15.38 -22.14 -22.71
N VAL A 321 -15.45 -21.29 -23.72
CA VAL A 321 -14.72 -21.52 -24.98
C VAL A 321 -13.21 -21.50 -24.80
N PHE A 322 -12.73 -20.60 -23.93
CA PHE A 322 -11.31 -20.43 -23.68
C PHE A 322 -10.75 -21.57 -22.86
N VAL A 323 -11.49 -22.02 -21.86
CA VAL A 323 -11.05 -23.11 -20.97
C VAL A 323 -11.02 -24.42 -21.75
N ARG A 324 -12.02 -24.66 -22.59
CA ARG A 324 -12.07 -25.84 -23.43
C ARG A 324 -10.90 -25.89 -24.41
N LYS A 325 -10.71 -24.80 -25.14
CA LYS A 325 -9.67 -24.72 -26.15
C LYS A 325 -8.25 -24.68 -25.55
N PHE A 326 -8.04 -23.86 -24.52
CA PHE A 326 -6.68 -23.65 -24.01
C PHE A 326 -6.34 -24.28 -22.67
N GLN A 327 -7.33 -24.87 -22.00
CA GLN A 327 -7.09 -25.59 -20.73
C GLN A 327 -7.86 -26.90 -20.65
N PRO A 328 -7.71 -27.79 -21.66
CA PRO A 328 -8.52 -29.01 -21.70
C PRO A 328 -8.44 -29.89 -20.43
N GLU A 329 -7.29 -29.91 -19.78
CA GLU A 329 -7.07 -30.74 -18.57
C GLU A 329 -8.02 -30.33 -17.47
N ARG A 330 -8.28 -29.03 -17.39
CA ARG A 330 -8.94 -28.44 -16.24
C ARG A 330 -10.43 -28.18 -16.45
N TYR A 331 -10.91 -28.38 -17.68
CA TYR A 331 -12.29 -28.07 -18.03
C TYR A 331 -13.33 -28.74 -17.11
N LYS A 332 -13.23 -30.06 -16.94
CA LYS A 332 -14.17 -30.80 -16.09
C LYS A 332 -14.09 -30.34 -14.64
N LEU A 333 -12.85 -30.15 -14.15
CA LEU A 333 -12.59 -29.64 -12.81
C LEU A 333 -13.22 -28.27 -12.57
N TRP A 334 -13.11 -27.39 -13.57
CA TRP A 334 -13.60 -26.03 -13.51
C TRP A 334 -15.13 -25.99 -13.54
N LYS A 335 -15.70 -26.76 -14.47
CA LYS A 335 -17.13 -26.87 -14.61
C LYS A 335 -17.79 -27.40 -13.32
N ALA A 336 -17.09 -28.30 -12.63
CA ALA A 336 -17.55 -28.85 -11.35
C ALA A 336 -17.22 -27.95 -10.14
N GLY A 337 -16.70 -26.76 -10.41
CA GLY A 337 -16.37 -25.78 -9.37
C GLY A 337 -15.18 -26.08 -8.48
N LYS A 338 -14.29 -26.97 -8.93
CA LYS A 338 -13.16 -27.43 -8.12
C LYS A 338 -11.76 -27.00 -8.62
N ASP A 339 -11.73 -26.03 -9.55
CA ASP A 339 -10.44 -25.56 -10.09
C ASP A 339 -9.87 -24.45 -9.19
N ASN A 340 -8.94 -24.85 -8.32
CA ASN A 340 -8.39 -23.95 -7.31
C ASN A 340 -7.11 -23.24 -7.72
N THR A 341 -6.88 -23.11 -9.04
CA THR A 341 -5.68 -22.43 -9.57
C THR A 341 -5.46 -21.05 -8.94
N VAL A 342 -4.21 -20.77 -8.59
CA VAL A 342 -3.82 -19.49 -7.98
C VAL A 342 -3.02 -18.68 -9.01
N ILE A 343 -3.45 -17.46 -9.25
CA ILE A 343 -2.74 -16.58 -10.20
C ILE A 343 -1.41 -16.08 -9.63
N ASP A 344 -0.33 -16.31 -10.37
CA ASP A 344 0.97 -15.66 -10.14
C ASP A 344 1.06 -14.46 -11.10
N HIS A 345 0.99 -13.25 -10.55
CA HIS A 345 0.98 -12.02 -11.36
C HIS A 345 2.30 -11.70 -12.06
N THR A 346 3.38 -12.35 -11.64
CA THR A 346 4.72 -12.10 -12.20
C THR A 346 4.99 -12.92 -13.46
N LEU A 347 4.39 -14.11 -13.52
CA LEU A 347 4.69 -15.09 -14.55
C LEU A 347 4.21 -14.68 -15.95
N PRO A 348 5.05 -14.86 -16.98
CA PRO A 348 4.61 -14.80 -18.39
C PRO A 348 3.88 -16.08 -18.87
N THR A 349 3.49 -16.10 -20.14
CA THR A 349 2.58 -17.11 -20.74
C THR A 349 1.32 -17.36 -19.87
N ALA B 14 -8.88 4.14 10.98
CA ALA B 14 -7.89 3.61 11.95
C ALA B 14 -6.95 2.62 11.26
N ARG B 15 -6.55 2.93 10.03
CA ARG B 15 -5.60 2.10 9.27
C ARG B 15 -4.25 2.78 9.30
N ILE B 16 -3.20 1.99 9.21
CA ILE B 16 -1.82 2.47 9.34
C ILE B 16 -1.50 3.44 8.21
N MET B 17 -1.04 4.63 8.58
CA MET B 17 -0.72 5.67 7.61
C MET B 17 0.79 5.84 7.46
N THR B 18 1.19 6.30 6.29
CA THR B 18 2.58 6.55 5.96
C THR B 18 2.72 8.01 5.57
N PHE B 19 3.81 8.62 6.04
CA PHE B 19 4.06 10.06 5.88
C PHE B 19 5.43 10.26 5.29
N TYR B 20 5.56 11.32 4.51
CA TYR B 20 6.78 11.63 3.77
C TYR B 20 7.20 13.08 4.06
N PRO B 21 7.75 13.37 5.27
CA PRO B 21 8.15 14.77 5.54
C PRO B 21 9.22 15.33 4.61
N THR B 22 9.16 16.63 4.33
CA THR B 22 10.28 17.34 3.71
C THR B 22 11.35 17.51 4.79
N MET B 23 12.55 17.92 4.39
CA MET B 23 13.62 18.19 5.37
C MET B 23 13.24 19.25 6.40
N GLU B 24 12.49 20.26 5.96
CA GLU B 24 11.93 21.28 6.84
C GLU B 24 11.02 20.71 7.93
N GLU B 25 10.04 19.91 7.52
CA GLU B 25 9.12 19.28 8.46
C GLU B 25 9.83 18.31 9.40
N PHE B 26 10.90 17.70 8.90
CA PHE B 26 11.64 16.67 9.60
C PHE B 26 12.52 17.18 10.75
N ARG B 27 12.83 18.48 10.74
CA ARG B 27 13.76 19.02 11.72
C ARG B 27 13.18 19.17 13.12
N ASN B 28 11.87 19.35 13.23
CA ASN B 28 11.24 19.44 14.55
C ASN B 28 10.45 18.17 14.84
N PHE B 29 11.06 17.28 15.63
CA PHE B 29 10.48 15.99 15.92
C PHE B 29 9.07 16.08 16.51
N SER B 30 8.92 16.80 17.63
CA SER B 30 7.62 16.85 18.35
C SER B 30 6.53 17.54 17.54
N ARG B 31 6.91 18.56 16.77
CA ARG B 31 5.99 19.21 15.87
C ARG B 31 5.46 18.25 14.78
N TYR B 32 6.34 17.41 14.22
CA TYR B 32 5.88 16.49 13.19
C TYR B 32 5.00 15.38 13.75
N ILE B 33 5.33 14.90 14.94
CA ILE B 33 4.45 13.97 15.65
C ILE B 33 3.07 14.62 15.85
N ALA B 34 3.04 15.86 16.31
CA ALA B 34 1.78 16.60 16.44
C ALA B 34 1.04 16.72 15.09
N TYR B 35 1.79 16.94 14.02
CA TYR B 35 1.21 16.98 12.67
C TYR B 35 0.56 15.65 12.25
N ILE B 36 1.30 14.54 12.37
CA ILE B 36 0.75 13.27 11.92
C ILE B 36 -0.50 12.88 12.72
N GLU B 37 -0.54 13.25 14.00
CA GLU B 37 -1.74 13.01 14.81
C GLU B 37 -2.94 13.86 14.34
N SER B 38 -2.69 15.09 13.88
CA SER B 38 -3.74 15.93 13.27
C SER B 38 -4.33 15.29 12.00
N GLN B 39 -3.53 14.45 11.35
CA GLN B 39 -3.93 13.68 10.15
C GLN B 39 -4.53 12.30 10.52
N GLY B 40 -4.57 11.98 11.81
CA GLY B 40 -5.27 10.81 12.30
C GLY B 40 -4.40 9.57 12.48
N ALA B 41 -3.09 9.75 12.42
CA ALA B 41 -2.12 8.63 12.46
C ALA B 41 -2.20 7.78 13.74
N HIS B 42 -2.53 8.43 14.86
CA HIS B 42 -2.61 7.75 16.16
C HIS B 42 -3.70 6.70 16.26
N ARG B 43 -4.73 6.84 15.43
CA ARG B 43 -5.90 5.97 15.45
C ARG B 43 -5.54 4.50 15.25
N ALA B 44 -4.60 4.24 14.33
CA ALA B 44 -4.14 2.88 14.03
C ALA B 44 -3.26 2.31 15.11
N GLY B 45 -2.61 3.17 15.91
CA GLY B 45 -1.67 2.75 16.94
C GLY B 45 -0.24 2.64 16.45
N LEU B 46 -0.06 2.74 15.13
CA LEU B 46 1.23 2.58 14.46
C LEU B 46 1.20 3.44 13.20
N ALA B 47 2.31 4.10 12.89
CA ALA B 47 2.43 4.90 11.67
C ALA B 47 3.84 4.77 11.12
N LYS B 48 3.97 4.85 9.80
CA LYS B 48 5.29 4.84 9.17
C LYS B 48 5.68 6.24 8.76
N VAL B 49 6.94 6.58 9.02
CA VAL B 49 7.51 7.83 8.56
C VAL B 49 8.71 7.51 7.68
N VAL B 50 8.68 7.99 6.43
CA VAL B 50 9.80 7.83 5.51
C VAL B 50 10.57 9.15 5.51
N PRO B 51 11.85 9.11 5.94
CA PRO B 51 12.66 10.33 6.05
C PRO B 51 13.02 10.90 4.67
N PRO B 52 13.39 12.20 4.62
CA PRO B 52 13.83 12.80 3.37
C PRO B 52 15.03 12.05 2.81
N LYS B 53 15.18 12.06 1.48
CA LYS B 53 16.30 11.40 0.79
C LYS B 53 17.68 11.95 1.20
N GLU B 54 17.70 13.21 1.65
CA GLU B 54 18.93 13.91 2.00
C GLU B 54 19.49 13.49 3.38
N TRP B 55 18.64 12.80 4.16
CA TRP B 55 18.96 12.48 5.55
C TRP B 55 19.52 11.06 5.70
N LYS B 56 20.61 10.93 6.45
CA LYS B 56 21.17 9.62 6.85
C LYS B 56 21.66 9.73 8.29
N PRO B 57 21.38 8.72 9.13
CA PRO B 57 21.88 8.76 10.52
C PRO B 57 23.35 8.41 10.66
N ARG B 58 23.91 7.76 9.65
CA ARG B 58 25.26 7.23 9.68
C ARG B 58 25.76 7.11 8.25
N ALA B 59 27.02 7.46 8.02
CA ALA B 59 27.61 7.38 6.70
C ALA B 59 27.71 5.94 6.18
N SER B 60 28.01 5.00 7.08
CA SER B 60 28.34 3.63 6.69
C SER B 60 28.18 2.72 7.88
N TYR B 61 27.79 1.47 7.63
CA TYR B 61 27.67 0.44 8.66
C TYR B 61 28.73 -0.65 8.48
N ASP B 62 29.90 -0.27 7.96
CA ASP B 62 30.99 -1.21 7.70
C ASP B 62 31.95 -1.37 8.88
N ASP B 63 31.78 -0.52 9.90
CA ASP B 63 32.68 -0.48 11.05
C ASP B 63 32.05 -0.93 12.38
N ILE B 64 31.07 -1.81 12.31
CA ILE B 64 30.32 -2.22 13.51
C ILE B 64 30.45 -3.72 13.83
N ASP B 65 31.27 -4.42 13.06
CA ASP B 65 31.40 -5.87 13.19
C ASP B 65 31.96 -6.33 14.53
N ASP B 66 32.69 -5.45 15.21
CA ASP B 66 33.21 -5.75 16.53
C ASP B 66 32.20 -5.49 17.65
N LEU B 67 31.05 -4.89 17.32
CA LEU B 67 30.02 -4.58 18.32
C LEU B 67 29.56 -5.86 19.01
N VAL B 68 29.48 -5.80 20.33
CA VAL B 68 29.11 -6.96 21.14
C VAL B 68 27.62 -6.91 21.43
N ILE B 69 26.97 -8.04 21.18
CA ILE B 69 25.58 -8.32 21.59
C ILE B 69 25.73 -9.15 22.87
N PRO B 70 25.62 -8.50 24.04
CA PRO B 70 26.05 -9.20 25.26
C PRO B 70 25.12 -10.30 25.73
N ALA B 71 23.85 -10.22 25.36
CA ALA B 71 22.87 -11.22 25.77
C ALA B 71 21.90 -11.63 24.65
N PRO B 72 22.39 -12.34 23.62
CA PRO B 72 21.46 -12.76 22.55
C PRO B 72 20.46 -13.77 23.14
N ILE B 73 19.29 -13.86 22.54
CA ILE B 73 18.23 -14.74 23.07
C ILE B 73 17.74 -15.70 22.00
N GLN B 74 17.75 -16.99 22.32
CA GLN B 74 17.03 -17.98 21.51
C GLN B 74 15.54 -18.01 21.85
N GLN B 75 14.71 -17.88 20.82
CA GLN B 75 13.26 -17.74 20.99
C GLN B 75 12.52 -19.07 20.77
N LEU B 76 12.26 -19.76 21.87
CA LEU B 76 11.42 -20.96 21.82
C LEU B 76 9.96 -20.60 21.91
N VAL B 77 9.15 -21.18 21.02
CA VAL B 77 7.72 -20.84 20.91
C VAL B 77 6.96 -22.16 21.00
N THR B 78 5.98 -22.20 21.91
CA THR B 78 5.07 -23.34 22.04
C THR B 78 3.63 -22.87 21.84
N GLY B 79 2.83 -23.67 21.15
CA GLY B 79 1.42 -23.32 20.92
C GLY B 79 0.84 -23.99 19.68
N GLN B 80 -0.40 -23.62 19.38
CA GLN B 80 -1.20 -24.21 18.31
C GLN B 80 -2.41 -23.30 18.05
N SER B 81 -3.09 -23.53 16.92
CA SER B 81 -4.34 -22.82 16.55
C SER B 81 -4.21 -21.30 16.62
N GLY B 82 -3.03 -20.77 16.26
CA GLY B 82 -2.77 -19.33 16.20
C GLY B 82 -2.40 -18.63 17.51
N LEU B 83 -2.25 -19.39 18.58
CA LEU B 83 -1.95 -18.86 19.91
C LEU B 83 -0.66 -19.43 20.45
N PHE B 84 0.30 -18.60 20.80
CA PHE B 84 1.61 -19.13 21.17
C PHE B 84 2.18 -18.36 22.35
N THR B 85 3.00 -19.05 23.13
CA THR B 85 3.81 -18.42 24.16
C THR B 85 5.28 -18.55 23.78
N GLN B 86 5.98 -17.43 23.89
CA GLN B 86 7.38 -17.34 23.53
C GLN B 86 8.28 -17.31 24.77
N TYR B 87 9.23 -18.24 24.82
CA TYR B 87 10.17 -18.34 25.92
C TYR B 87 11.56 -17.94 25.43
N ASN B 88 12.15 -16.95 26.07
CA ASN B 88 13.33 -16.29 25.53
C ASN B 88 14.56 -16.69 26.33
N ILE B 89 15.39 -17.59 25.75
CA ILE B 89 16.55 -18.24 26.41
C ILE B 89 17.88 -17.55 26.12
N GLN B 90 18.52 -17.03 27.17
CA GLN B 90 19.75 -16.27 27.01
C GLN B 90 20.91 -17.15 26.53
N LYS B 91 21.60 -16.70 25.50
CA LYS B 91 22.78 -17.37 24.99
C LYS B 91 24.01 -16.54 25.33
N LYS B 92 25.19 -17.11 25.09
CA LYS B 92 26.45 -16.42 25.35
C LYS B 92 26.61 -15.20 24.43
N ALA B 93 27.34 -14.20 24.93
CA ALA B 93 27.64 -12.98 24.20
C ALA B 93 28.30 -13.29 22.87
N MET B 94 28.06 -12.42 21.88
CA MET B 94 28.69 -12.56 20.57
C MET B 94 28.78 -11.20 19.90
N THR B 95 29.64 -11.12 18.89
CA THR B 95 29.79 -9.91 18.07
C THR B 95 28.74 -9.92 16.94
N VAL B 96 28.49 -8.73 16.37
CA VAL B 96 27.67 -8.59 15.17
C VAL B 96 28.15 -9.52 14.05
N ARG B 97 29.47 -9.60 13.85
CA ARG B 97 30.02 -10.47 12.82
C ARG B 97 29.57 -11.92 12.97
N GLU B 98 29.74 -12.46 14.18
CA GLU B 98 29.32 -13.83 14.48
C GLU B 98 27.81 -14.02 14.33
N PHE B 99 27.05 -13.01 14.76
CA PHE B 99 25.59 -13.06 14.64
C PHE B 99 25.17 -13.11 13.16
N ARG B 100 25.71 -12.18 12.36
CA ARG B 100 25.41 -12.12 10.91
C ARG B 100 25.67 -13.46 10.22
N LYS B 101 26.81 -14.08 10.54
CA LYS B 101 27.15 -15.40 10.00
C LYS B 101 26.09 -16.44 10.31
N ILE B 102 25.63 -16.48 11.56
CA ILE B 102 24.55 -17.37 11.95
C ILE B 102 23.25 -17.02 11.19
N ALA B 103 22.93 -15.73 11.17
CA ALA B 103 21.70 -15.24 10.52
C ALA B 103 21.66 -15.56 9.02
N ASN B 104 22.82 -15.47 8.36
CA ASN B 104 22.93 -15.70 6.92
C ASN B 104 23.31 -17.13 6.52
N SER B 105 23.47 -18.01 7.52
CA SER B 105 23.74 -19.42 7.26
C SER B 105 22.49 -20.14 6.79
N ASP B 106 22.69 -21.24 6.05
CA ASP B 106 21.58 -22.06 5.52
C ASP B 106 20.56 -22.45 6.60
N LYS B 107 21.05 -22.66 7.81
CA LYS B 107 20.24 -23.05 8.96
C LYS B 107 19.16 -22.00 9.33
N TYR B 108 19.53 -20.73 9.24
CA TYR B 108 18.67 -19.68 9.77
C TYR B 108 18.16 -18.67 8.76
N CYS B 109 18.75 -18.64 7.55
CA CYS B 109 18.39 -17.58 6.60
C CYS B 109 16.93 -17.64 6.14
N THR B 110 16.48 -16.54 5.54
CA THR B 110 15.13 -16.39 4.99
C THR B 110 14.81 -17.44 3.93
N PRO B 111 13.65 -18.10 4.06
CA PRO B 111 13.17 -19.01 3.00
C PRO B 111 12.85 -18.29 1.69
N ARG B 112 12.66 -19.05 0.61
CA ARG B 112 12.31 -18.48 -0.69
C ARG B 112 10.87 -17.98 -0.68
N TYR B 113 10.66 -16.75 -1.15
CA TYR B 113 9.30 -16.16 -1.22
C TYR B 113 9.01 -15.21 -2.37
N SER B 114 7.83 -15.37 -2.95
CA SER B 114 7.37 -14.53 -4.05
C SER B 114 6.80 -13.19 -3.55
N GLU B 115 6.09 -13.25 -2.43
CA GLU B 115 5.22 -12.16 -1.96
C GLU B 115 5.20 -12.17 -0.45
N PHE B 116 5.02 -11.01 0.19
CA PHE B 116 4.97 -10.96 1.66
C PHE B 116 3.94 -11.92 2.23
N GLU B 117 2.77 -12.03 1.60
CA GLU B 117 1.75 -12.97 2.06
C GLU B 117 2.32 -14.39 2.21
N GLU B 118 3.20 -14.79 1.29
CA GLU B 118 3.80 -16.12 1.34
C GLU B 118 4.78 -16.24 2.50
N LEU B 119 5.60 -15.22 2.71
CA LEU B 119 6.53 -15.19 3.83
C LEU B 119 5.79 -15.12 5.17
N GLU B 120 4.71 -14.34 5.19
CA GLU B 120 3.85 -14.28 6.36
C GLU B 120 3.23 -15.63 6.67
N ARG B 121 2.74 -16.33 5.64
CA ARG B 121 2.23 -17.69 5.81
C ARG B 121 3.35 -18.62 6.36
N LYS B 122 4.55 -18.49 5.82
CA LYS B 122 5.69 -19.29 6.24
C LYS B 122 6.09 -19.00 7.70
N TYR B 123 5.99 -17.73 8.12
CA TYR B 123 6.22 -17.36 9.53
C TYR B 123 5.25 -18.08 10.50
N TRP B 124 3.94 -17.96 10.24
CA TRP B 124 2.92 -18.52 11.16
C TRP B 124 2.84 -20.06 11.14
N LYS B 125 3.25 -20.65 10.02
CA LYS B 125 3.37 -22.11 9.89
C LYS B 125 4.61 -22.65 10.60
N ASN B 126 5.70 -21.89 10.59
CA ASN B 126 7.02 -22.39 11.07
C ASN B 126 7.53 -21.80 12.37
N LEU B 127 6.65 -21.05 13.03
CA LEU B 127 6.94 -20.30 14.23
C LEU B 127 7.57 -21.17 15.33
N THR B 128 7.04 -22.37 15.49
CA THR B 128 7.45 -23.22 16.62
C THR B 128 8.66 -24.10 16.31
N PHE B 129 9.20 -24.01 15.09
CA PHE B 129 10.30 -24.87 14.63
C PHE B 129 11.59 -24.08 14.51
N ASN B 130 12.73 -24.77 14.68
CA ASN B 130 14.05 -24.16 14.44
C ASN B 130 14.19 -22.78 15.10
N PRO B 131 14.25 -22.73 16.46
CA PRO B 131 14.19 -21.46 17.18
C PRO B 131 15.33 -20.53 16.82
N PRO B 132 15.02 -19.28 16.43
CA PRO B 132 16.09 -18.37 16.02
C PRO B 132 16.72 -17.70 17.23
N ILE B 133 17.75 -16.90 16.95
CA ILE B 133 18.45 -16.11 17.95
C ILE B 133 18.23 -14.64 17.61
N TYR B 134 17.81 -13.85 18.60
CA TYR B 134 17.53 -12.42 18.43
C TYR B 134 18.55 -11.64 19.25
N GLY B 135 19.33 -10.81 18.59
CA GLY B 135 20.29 -9.95 19.31
C GLY B 135 19.56 -8.72 19.83
N ALA B 136 18.73 -8.93 20.86
CA ALA B 136 17.78 -7.90 21.30
C ALA B 136 18.31 -7.05 22.45
N ASP B 137 17.71 -5.86 22.61
CA ASP B 137 17.92 -5.03 23.81
C ASP B 137 19.39 -4.66 24.00
N VAL B 138 20.13 -4.45 22.92
CA VAL B 138 21.53 -4.04 23.04
C VAL B 138 21.57 -2.55 23.34
N ASN B 139 22.21 -2.17 24.45
CA ASN B 139 22.42 -0.78 24.81
C ASN B 139 23.31 -0.04 23.83
N GLY B 140 22.77 1.02 23.21
CA GLY B 140 23.57 1.79 22.26
C GLY B 140 22.83 2.42 21.10
N THR B 141 23.59 3.16 20.29
CA THR B 141 23.06 3.93 19.15
C THR B 141 24.00 3.74 17.96
N LEU B 142 23.45 3.70 16.75
CA LEU B 142 24.29 3.72 15.54
C LEU B 142 24.31 5.08 14.85
N TYR B 143 23.63 6.05 15.44
CA TYR B 143 23.64 7.42 14.93
C TYR B 143 25.01 8.06 15.16
N GLU B 144 25.44 8.87 14.20
CA GLU B 144 26.62 9.68 14.39
C GLU B 144 26.22 10.84 15.30
N LYS B 145 27.17 11.27 16.14
CA LYS B 145 27.00 12.33 17.13
C LYS B 145 26.43 13.62 16.56
N HIS B 146 26.72 13.87 15.28
CA HIS B 146 26.41 15.16 14.65
C HIS B 146 24.98 15.23 14.08
N VAL B 147 24.24 14.14 14.17
CA VAL B 147 22.89 14.06 13.57
C VAL B 147 21.83 14.66 14.49
N ASP B 148 21.27 15.79 14.07
CA ASP B 148 20.34 16.54 14.89
C ASP B 148 18.86 16.20 14.67
N GLU B 149 18.55 15.52 13.56
CA GLU B 149 17.17 15.24 13.20
C GLU B 149 16.81 13.79 13.52
N TRP B 150 15.76 13.61 14.31
CA TRP B 150 15.21 12.29 14.64
C TRP B 150 16.27 11.34 15.20
N ASN B 151 17.14 11.90 16.02
CA ASN B 151 18.20 11.17 16.68
C ASN B 151 17.62 10.49 17.90
N ILE B 152 17.49 9.17 17.80
CA ILE B 152 16.85 8.32 18.80
C ILE B 152 17.48 8.41 20.19
N GLY B 153 18.79 8.69 20.24
CA GLY B 153 19.51 8.88 21.49
C GLY B 153 19.20 10.17 22.23
N ARG B 154 18.50 11.09 21.58
CA ARG B 154 18.26 12.44 22.14
C ARG B 154 17.14 13.20 21.41
N LEU B 155 15.92 12.72 21.58
CA LEU B 155 14.78 13.28 20.84
C LEU B 155 14.25 14.56 21.47
N ARG B 156 14.62 14.78 22.73
CA ARG B 156 14.28 15.99 23.50
C ARG B 156 12.76 16.16 23.71
N THR B 157 12.05 15.05 23.90
CA THR B 157 10.63 15.09 24.22
C THR B 157 10.46 15.38 25.72
N ILE B 158 9.23 15.56 26.19
CA ILE B 158 8.96 15.72 27.62
C ILE B 158 9.32 14.50 28.51
N LEU B 159 9.63 13.35 27.90
CA LEU B 159 10.09 12.19 28.67
C LEU B 159 11.40 12.48 29.42
N ASP B 160 12.17 13.43 28.91
CA ASP B 160 13.40 13.88 29.56
C ASP B 160 13.20 14.41 30.98
N LEU B 161 11.96 14.77 31.34
CA LEU B 161 11.63 15.20 32.70
C LEU B 161 11.85 14.11 33.76
N VAL B 162 11.75 12.86 33.34
CA VAL B 162 12.09 11.72 34.19
C VAL B 162 13.59 11.78 34.51
N GLU B 163 14.40 11.99 33.47
CA GLU B 163 15.84 12.16 33.61
C GLU B 163 16.19 13.49 34.26
N LYS B 164 15.75 14.59 33.63
CA LYS B 164 16.09 15.96 34.05
C LYS B 164 15.72 16.29 35.49
N GLU B 165 14.52 15.91 35.91
CA GLU B 165 14.05 16.22 37.26
C GLU B 165 14.45 15.16 38.31
N SER B 166 14.28 13.88 37.98
CA SER B 166 14.50 12.82 38.98
C SER B 166 15.84 12.07 38.89
N GLY B 167 16.68 12.42 37.91
CA GLY B 167 18.02 11.84 37.76
C GLY B 167 18.01 10.34 37.55
N ILE B 168 16.99 9.85 36.85
CA ILE B 168 16.76 8.40 36.67
C ILE B 168 16.91 7.98 35.21
N THR B 169 17.81 7.02 34.97
CA THR B 169 17.97 6.41 33.64
C THR B 169 17.28 5.04 33.59
N ILE B 170 16.39 4.86 32.62
CA ILE B 170 15.74 3.57 32.38
C ILE B 170 16.16 3.07 31.00
N GLU B 171 17.05 2.07 31.01
CA GLU B 171 17.64 1.55 29.77
C GLU B 171 16.56 1.05 28.80
N GLY B 172 16.67 1.49 27.55
CA GLY B 172 15.70 1.17 26.49
C GLY B 172 14.47 2.08 26.46
N VAL B 173 14.22 2.78 27.56
CA VAL B 173 13.07 3.66 27.68
C VAL B 173 13.46 5.11 27.41
N ASN B 174 14.39 5.65 28.20
CA ASN B 174 14.95 6.97 27.91
C ASN B 174 16.39 6.90 27.38
N THR B 175 16.82 5.70 26.99
CA THR B 175 18.06 5.46 26.25
C THR B 175 17.77 4.53 25.06
N PRO B 176 18.64 4.51 24.04
CA PRO B 176 18.35 3.67 22.87
C PRO B 176 18.78 2.21 23.04
N TYR B 177 18.02 1.33 22.41
CA TYR B 177 18.33 -0.09 22.31
C TYR B 177 18.55 -0.42 20.84
N LEU B 178 19.48 -1.31 20.56
CA LEU B 178 19.63 -1.88 19.24
C LEU B 178 19.08 -3.30 19.22
N TYR B 179 18.55 -3.69 18.07
CA TYR B 179 17.97 -5.00 17.86
C TYR B 179 18.59 -5.60 16.62
N PHE B 180 19.29 -6.72 16.76
CA PHE B 180 19.84 -7.40 15.59
C PHE B 180 18.97 -8.63 15.30
N GLY B 181 18.20 -8.56 14.22
CA GLY B 181 17.26 -9.60 13.86
C GLY B 181 17.82 -10.63 12.92
N MET B 182 17.16 -11.78 12.89
CA MET B 182 17.34 -12.74 11.79
C MET B 182 15.96 -13.23 11.43
N TRP B 183 15.85 -14.03 10.37
CA TRP B 183 14.55 -14.58 9.96
C TRP B 183 13.79 -15.19 11.13
N LYS B 184 12.54 -14.75 11.29
CA LYS B 184 11.59 -15.41 12.18
C LYS B 184 11.78 -15.01 13.65
N THR B 185 12.69 -14.08 13.95
CA THR B 185 12.76 -13.49 15.29
C THR B 185 11.51 -12.61 15.45
N SER B 186 10.91 -12.64 16.63
CA SER B 186 9.57 -12.07 16.89
C SER B 186 9.54 -11.09 18.05
N PHE B 187 8.60 -10.15 17.97
CA PHE B 187 8.23 -9.41 19.13
C PHE B 187 6.73 -9.64 19.41
N ALA B 188 6.43 -10.02 20.64
CA ALA B 188 5.12 -10.46 21.02
C ALA B 188 4.22 -9.23 21.19
N TRP B 189 2.92 -9.47 21.32
CA TRP B 189 1.91 -8.40 21.50
C TRP B 189 2.12 -7.60 22.77
N HIS B 190 2.20 -6.27 22.66
CA HIS B 190 2.43 -5.42 23.83
C HIS B 190 2.13 -3.98 23.50
N THR B 191 1.91 -3.20 24.55
CA THR B 191 2.07 -1.76 24.46
C THR B 191 3.40 -1.41 25.14
N GLU B 192 3.87 -0.18 24.96
CA GLU B 192 5.09 0.30 25.61
C GLU B 192 4.92 0.39 27.12
N ASP B 193 6.02 0.36 27.85
CA ASP B 193 6.01 0.63 29.28
C ASP B 193 5.29 1.97 29.51
N MET B 194 4.45 2.02 30.56
CA MET B 194 3.69 3.23 30.92
C MET B 194 2.82 3.73 29.76
N ASP B 195 2.56 2.84 28.79
CA ASP B 195 1.86 3.14 27.54
C ASP B 195 2.43 4.34 26.78
N LEU B 196 3.76 4.44 26.81
CA LEU B 196 4.48 5.46 26.09
C LEU B 196 4.39 5.30 24.56
N TYR B 197 4.88 6.31 23.84
CA TYR B 197 5.14 6.17 22.43
C TYR B 197 6.44 5.44 22.30
N SER B 198 6.68 4.83 21.13
CA SER B 198 8.03 4.43 20.81
C SER B 198 8.35 4.84 19.38
N ILE B 199 9.64 4.86 19.09
CA ILE B 199 10.12 5.16 17.75
C ILE B 199 11.07 4.01 17.41
N ASN B 200 11.00 3.54 16.18
CA ASN B 200 11.82 2.42 15.74
C ASN B 200 12.38 2.73 14.36
N TYR B 201 13.69 2.77 14.25
CA TYR B 201 14.34 3.00 12.97
C TYR B 201 15.07 1.74 12.50
N LEU B 202 14.82 1.31 11.26
CA LEU B 202 15.52 0.18 10.67
C LEU B 202 16.75 0.69 9.92
N HIS B 203 17.92 0.52 10.55
CA HIS B 203 19.19 1.01 10.02
C HIS B 203 19.60 0.35 8.71
N PHE B 204 19.48 -0.97 8.65
CA PHE B 204 19.90 -1.72 7.45
C PHE B 204 19.32 -3.12 7.46
N GLY B 205 19.39 -3.80 6.31
CA GLY B 205 19.09 -5.22 6.20
C GLY B 205 17.69 -5.55 5.72
N GLU B 206 17.23 -6.75 6.06
CA GLU B 206 15.94 -7.24 5.59
C GLU B 206 14.76 -6.63 6.40
N PRO B 207 13.54 -6.63 5.83
CA PRO B 207 12.45 -5.88 6.46
C PRO B 207 12.01 -6.39 7.84
N LYS B 208 11.19 -5.59 8.51
CA LYS B 208 10.54 -5.98 9.74
C LYS B 208 9.03 -5.77 9.54
N SER B 209 8.22 -6.80 9.77
CA SER B 209 6.76 -6.69 9.59
C SER B 209 6.05 -6.52 10.92
N TRP B 210 5.00 -5.69 10.91
CA TRP B 210 4.34 -5.24 12.14
C TRP B 210 2.84 -5.51 12.00
N TYR B 211 2.21 -5.86 13.12
CA TYR B 211 0.77 -5.89 13.27
C TYR B 211 0.40 -4.87 14.34
N SER B 212 -0.75 -4.22 14.20
CA SER B 212 -1.16 -3.21 15.15
C SER B 212 -2.67 -3.28 15.41
N VAL B 213 -3.08 -3.05 16.66
CA VAL B 213 -4.49 -2.95 17.02
C VAL B 213 -4.78 -1.50 17.43
N PRO B 214 -5.82 -0.88 16.85
CA PRO B 214 -6.11 0.50 17.28
C PRO B 214 -6.25 0.61 18.79
N PRO B 215 -5.65 1.66 19.41
CA PRO B 215 -5.91 1.95 20.83
C PRO B 215 -7.40 1.86 21.22
N GLU B 216 -8.34 2.29 20.36
CA GLU B 216 -9.79 2.21 20.66
C GLU B 216 -10.25 0.78 20.83
N HIS B 217 -9.47 -0.16 20.29
CA HIS B 217 -9.83 -1.58 20.36
C HIS B 217 -8.88 -2.41 21.23
N GLY B 218 -7.87 -1.75 21.82
CA GLY B 218 -6.89 -2.44 22.67
C GLY B 218 -7.54 -3.28 23.75
N LYS B 219 -8.60 -2.76 24.36
CA LYS B 219 -9.26 -3.43 25.49
C LYS B 219 -9.90 -4.76 25.07
N ARG B 220 -10.31 -4.82 23.80
CA ARG B 220 -10.90 -6.01 23.22
C ARG B 220 -9.87 -7.13 23.01
N LEU B 221 -8.66 -6.75 22.59
CA LEU B 221 -7.52 -7.65 22.52
C LEU B 221 -7.21 -8.25 23.88
N GLU B 222 -7.14 -7.38 24.90
CA GLU B 222 -6.96 -7.79 26.31
C GLU B 222 -8.00 -8.81 26.77
N ARG B 223 -9.28 -8.53 26.52
CA ARG B 223 -10.34 -9.47 26.87
C ARG B 223 -10.07 -10.84 26.23
N LEU B 224 -9.70 -10.83 24.95
CA LEU B 224 -9.41 -12.06 24.21
C LEU B 224 -8.24 -12.85 24.83
N ALA B 225 -7.12 -12.17 25.08
CA ALA B 225 -5.93 -12.79 25.65
C ALA B 225 -6.21 -13.35 27.03
N LYS B 226 -6.91 -12.57 27.86
CA LYS B 226 -7.33 -13.00 29.17
C LYS B 226 -8.14 -14.29 29.11
N GLY B 227 -9.02 -14.40 28.12
CA GLY B 227 -9.86 -15.57 27.93
C GLY B 227 -9.08 -16.82 27.56
N PHE B 228 -7.99 -16.63 26.83
CA PHE B 228 -7.12 -17.74 26.41
C PHE B 228 -6.10 -18.16 27.46
N PHE B 229 -5.61 -17.19 28.24
CA PHE B 229 -4.67 -17.48 29.31
C PHE B 229 -5.26 -17.05 30.65
N PRO B 230 -6.26 -17.80 31.18
CA PRO B 230 -6.93 -17.36 32.41
C PRO B 230 -6.02 -17.47 33.63
N GLY B 231 -5.09 -18.44 33.60
CA GLY B 231 -4.09 -18.60 34.66
C GLY B 231 -3.12 -17.43 34.72
N SER B 232 -2.66 -16.99 33.54
CA SER B 232 -1.82 -15.80 33.40
C SER B 232 -2.52 -14.50 33.85
N ALA B 233 -3.81 -14.41 33.55
CA ALA B 233 -4.59 -13.22 33.88
C ALA B 233 -4.85 -13.09 35.38
N GLN B 234 -4.88 -14.23 36.08
CA GLN B 234 -5.12 -14.21 37.52
C GLN B 234 -3.87 -13.78 38.31
N SER B 235 -2.69 -14.12 37.79
CA SER B 235 -1.43 -13.87 38.51
C SER B 235 -0.72 -12.58 38.08
N CYS B 236 -1.28 -11.91 37.07
CA CYS B 236 -0.82 -10.58 36.67
C CYS B 236 -1.93 -9.73 36.06
N GLU B 237 -2.11 -8.53 36.60
CA GLU B 237 -3.04 -7.52 36.09
C GLU B 237 -2.81 -7.12 34.62
N ALA B 238 -1.57 -7.29 34.16
CA ALA B 238 -1.20 -6.89 32.81
C ALA B 238 -0.18 -7.88 32.22
N PHE B 239 -0.61 -9.13 32.05
CA PHE B 239 0.31 -10.21 31.62
C PHE B 239 0.89 -10.00 30.21
N LEU B 240 0.18 -9.27 29.34
CA LEU B 240 0.77 -8.98 28.01
C LEU B 240 2.06 -8.20 28.11
N ARG B 241 2.25 -7.50 29.23
CA ARG B 241 3.52 -6.79 29.46
C ARG B 241 4.74 -7.72 29.59
N HIS B 242 4.50 -9.01 29.85
CA HIS B 242 5.59 -10.00 29.89
C HIS B 242 6.19 -10.25 28.51
N LYS B 243 5.49 -9.77 27.49
CA LYS B 243 5.94 -9.86 26.11
C LYS B 243 6.23 -11.29 25.68
N MET B 244 5.32 -12.19 26.02
CA MET B 244 5.47 -13.60 25.69
C MET B 244 4.35 -14.14 24.82
N THR B 245 3.36 -13.31 24.49
CA THR B 245 2.14 -13.81 23.87
C THR B 245 2.09 -13.49 22.38
N LEU B 246 1.98 -14.52 21.54
CA LEU B 246 1.90 -14.35 20.10
C LEU B 246 0.54 -14.75 19.60
N ILE B 247 -0.06 -13.95 18.73
CA ILE B 247 -1.41 -14.22 18.25
C ILE B 247 -1.43 -13.94 16.76
N SER B 248 -1.83 -14.94 15.99
CA SER B 248 -1.85 -14.86 14.53
C SER B 248 -2.97 -13.95 14.06
N PRO B 249 -2.79 -13.30 12.88
CA PRO B 249 -3.82 -12.50 12.22
C PRO B 249 -5.08 -13.29 11.93
N LEU B 250 -4.95 -14.59 11.65
CA LEU B 250 -6.11 -15.43 11.44
C LEU B 250 -6.97 -15.53 12.70
N MET B 251 -6.31 -15.64 13.86
CA MET B 251 -7.02 -15.66 15.12
C MET B 251 -7.67 -14.30 15.44
N LEU B 252 -6.94 -13.21 15.23
CA LEU B 252 -7.52 -11.87 15.39
C LEU B 252 -8.77 -11.70 14.51
N LYS B 253 -8.70 -12.17 13.27
CA LYS B 253 -9.84 -12.07 12.36
C LYS B 253 -11.01 -12.94 12.84
N LYS B 254 -10.71 -14.17 13.22
CA LYS B 254 -11.74 -15.10 13.74
C LYS B 254 -12.55 -14.50 14.89
N TYR B 255 -11.85 -13.87 15.82
CA TYR B 255 -12.44 -13.31 17.03
C TYR B 255 -12.90 -11.86 16.89
N GLY B 256 -12.87 -11.32 15.67
CA GLY B 256 -13.35 -9.97 15.39
C GLY B 256 -12.56 -8.84 15.99
N ILE B 257 -11.26 -9.02 16.16
CA ILE B 257 -10.42 -7.91 16.61
C ILE B 257 -9.82 -7.13 15.43
N PRO B 258 -10.14 -5.83 15.31
CA PRO B 258 -9.61 -5.01 14.22
C PRO B 258 -8.11 -4.86 14.32
N PHE B 259 -7.43 -5.02 13.19
CA PHE B 259 -5.99 -4.84 13.16
C PHE B 259 -5.53 -4.48 11.75
N ASP B 260 -4.27 -4.06 11.63
CA ASP B 260 -3.73 -3.76 10.32
C ASP B 260 -2.31 -4.30 10.33
N LYS B 261 -1.71 -4.42 9.15
CA LYS B 261 -0.33 -4.83 9.05
C LYS B 261 0.46 -3.91 8.12
N VAL B 262 1.77 -3.87 8.32
CA VAL B 262 2.64 -3.01 7.52
C VAL B 262 4.04 -3.59 7.57
N THR B 263 4.80 -3.40 6.51
CA THR B 263 6.19 -3.85 6.51
C THR B 263 7.12 -2.62 6.47
N GLN B 264 8.05 -2.58 7.41
CA GLN B 264 9.05 -1.55 7.49
C GLN B 264 10.32 -2.01 6.74
N GLU B 265 10.82 -1.18 5.81
CA GLU B 265 12.03 -1.49 5.06
C GLU B 265 13.17 -0.66 5.62
N ALA B 266 14.40 -1.04 5.27
CA ALA B 266 15.60 -0.35 5.73
C ALA B 266 15.48 1.14 5.43
N GLY B 267 15.83 1.98 6.40
CA GLY B 267 15.80 3.42 6.20
C GLY B 267 14.46 4.07 6.55
N GLU B 268 13.54 3.29 7.11
CA GLU B 268 12.23 3.80 7.51
C GLU B 268 11.99 3.74 9.02
N PHE B 269 11.22 4.72 9.51
CA PHE B 269 10.83 4.81 10.91
C PHE B 269 9.44 4.25 11.09
N MET B 270 9.22 3.59 12.22
CA MET B 270 7.87 3.30 12.70
C MET B 270 7.66 4.04 14.01
N ILE B 271 6.46 4.59 14.19
CA ILE B 271 6.05 5.25 15.43
C ILE B 271 4.90 4.45 16.00
N THR B 272 4.99 4.08 17.28
CA THR B 272 3.85 3.49 17.93
C THR B 272 3.30 4.50 18.92
N PHE B 273 2.00 4.44 19.14
CA PHE B 273 1.28 5.47 19.88
C PHE B 273 0.80 4.93 21.21
N PRO B 274 0.55 5.82 22.19
CA PRO B 274 0.09 5.36 23.49
C PRO B 274 -1.03 4.32 23.39
N TYR B 275 -0.80 3.16 24.01
CA TYR B 275 -1.80 2.10 24.10
C TYR B 275 -2.08 1.47 22.74
N GLY B 276 -1.13 1.62 21.81
CA GLY B 276 -1.23 0.91 20.53
C GLY B 276 -0.57 -0.44 20.72
N TYR B 277 -1.36 -1.50 20.74
CA TYR B 277 -0.81 -2.89 20.79
C TYR B 277 -0.17 -3.25 19.47
N HIS B 278 1.04 -3.84 19.53
CA HIS B 278 1.76 -4.20 18.33
C HIS B 278 2.60 -5.45 18.57
N ALA B 279 2.87 -6.14 17.47
CA ALA B 279 3.66 -7.38 17.46
C ALA B 279 4.24 -7.48 16.07
N GLY B 280 5.17 -8.41 15.85
CA GLY B 280 5.71 -8.56 14.51
C GLY B 280 6.89 -9.51 14.44
N PHE B 281 7.56 -9.48 13.31
CA PHE B 281 8.69 -10.40 13.08
C PHE B 281 9.66 -9.81 12.06
N ASN B 282 10.89 -10.28 12.12
CA ASN B 282 11.92 -9.91 11.14
C ASN B 282 12.01 -10.87 9.98
N HIS B 283 12.23 -10.33 8.79
CA HIS B 283 12.30 -11.13 7.56
C HIS B 283 13.65 -11.79 7.41
N GLY B 284 14.67 -11.21 8.04
CA GLY B 284 16.05 -11.65 7.83
C GLY B 284 16.98 -10.81 8.66
N PHE B 285 18.28 -10.91 8.35
CA PHE B 285 19.31 -10.17 9.08
C PHE B 285 19.10 -8.67 8.90
N ASN B 286 18.96 -7.98 10.03
CA ASN B 286 18.71 -6.54 10.05
C ASN B 286 19.12 -5.95 11.36
N CYS B 287 18.97 -4.64 11.48
CA CYS B 287 19.30 -3.92 12.70
C CYS B 287 18.38 -2.74 12.84
N ALA B 288 17.73 -2.67 14.01
CA ALA B 288 16.77 -1.62 14.33
C ALA B 288 17.21 -0.93 15.59
N GLU B 289 16.94 0.37 15.69
CA GLU B 289 17.24 1.15 16.86
C GLU B 289 15.94 1.74 17.36
N SER B 290 15.70 1.64 18.67
CA SER B 290 14.47 2.20 19.24
C SER B 290 14.58 2.69 20.66
N THR B 291 13.57 3.46 21.05
CA THR B 291 13.45 4.01 22.41
C THR B 291 12.02 4.49 22.57
N ASN B 292 11.68 4.92 23.78
CA ASN B 292 10.36 5.48 24.01
C ASN B 292 10.44 7.00 24.02
N PHE B 293 9.29 7.63 23.92
CA PHE B 293 9.23 9.09 24.04
C PHE B 293 7.83 9.47 24.46
N ALA B 294 7.65 10.75 24.79
CA ALA B 294 6.38 11.21 25.31
C ALA B 294 5.98 12.53 24.66
N THR B 295 4.68 12.78 24.63
CA THR B 295 4.14 14.11 24.29
C THR B 295 3.14 14.47 25.39
N ARG B 296 2.55 15.67 25.32
CA ARG B 296 1.54 16.07 26.29
C ARG B 296 0.32 15.15 26.25
N ARG B 297 0.00 14.68 25.05
CA ARG B 297 -1.15 13.78 24.87
C ARG B 297 -0.97 12.44 25.59
N TRP B 298 0.29 12.03 25.77
CA TRP B 298 0.58 10.77 26.47
C TRP B 298 0.23 10.80 27.97
N ILE B 299 0.31 11.97 28.59
CA ILE B 299 0.21 12.09 30.06
C ILE B 299 -0.99 11.34 30.66
N GLU B 300 -2.17 11.53 30.10
CA GLU B 300 -3.37 10.86 30.60
C GLU B 300 -3.27 9.32 30.51
N TYR B 301 -2.67 8.82 29.43
CA TYR B 301 -2.38 7.38 29.26
C TYR B 301 -1.43 6.90 30.35
N GLY B 302 -0.37 7.69 30.56
CA GLY B 302 0.58 7.47 31.65
C GLY B 302 -0.14 7.32 32.96
N LYS B 303 -1.07 8.24 33.24
CA LYS B 303 -1.80 8.25 34.51
C LYS B 303 -2.68 7.02 34.68
N GLN B 304 -3.15 6.47 33.56
CA GLN B 304 -4.09 5.35 33.58
C GLN B 304 -3.45 4.00 33.22
N ALA B 305 -2.17 4.00 32.85
CA ALA B 305 -1.53 2.75 32.44
C ALA B 305 -1.71 1.69 33.54
N VAL B 306 -2.10 0.46 33.14
CA VAL B 306 -2.18 -0.68 34.07
C VAL B 306 -0.88 -1.46 33.99
N LEU B 307 -0.20 -1.62 35.11
CA LEU B 307 1.17 -2.15 35.09
C LEU B 307 1.27 -3.62 35.52
N CYS B 308 2.40 -4.26 35.25
CA CYS B 308 2.64 -5.63 35.71
C CYS B 308 2.73 -5.65 37.25
N SER B 309 2.11 -6.65 37.86
CA SER B 309 2.05 -6.74 39.33
C SER B 309 2.82 -7.92 39.93
N CYS B 310 3.36 -8.79 39.07
CA CYS B 310 4.05 -10.00 39.53
C CYS B 310 5.59 -9.91 39.48
N ARG B 311 6.12 -8.88 38.81
CA ARG B 311 7.57 -8.65 38.83
C ARG B 311 7.91 -7.33 39.53
N LYS B 312 9.08 -7.30 40.19
CA LYS B 312 9.62 -6.09 40.81
C LYS B 312 10.47 -5.24 39.86
N ASP B 313 11.23 -5.89 38.97
CA ASP B 313 12.13 -5.18 38.06
C ASP B 313 11.40 -4.55 36.84
N MET B 314 10.09 -4.30 37.00
CA MET B 314 9.30 -3.69 35.92
C MET B 314 9.49 -2.18 35.90
N VAL B 315 9.19 -1.57 34.74
CA VAL B 315 9.29 -0.12 34.56
C VAL B 315 8.05 0.60 35.09
N LYS B 316 8.29 1.50 36.04
CA LYS B 316 7.24 2.27 36.69
C LYS B 316 7.75 3.70 36.78
N ILE B 317 7.11 4.59 36.04
CA ILE B 317 7.46 6.01 36.07
C ILE B 317 6.45 6.77 36.94
N SER B 318 6.97 7.58 37.86
CA SER B 318 6.13 8.48 38.64
C SER B 318 5.52 9.56 37.74
N MET B 319 4.20 9.68 37.79
CA MET B 319 3.49 10.65 36.94
C MET B 319 3.46 12.03 37.56
N ASP B 320 3.91 12.12 38.82
CA ASP B 320 3.79 13.32 39.62
C ASP B 320 4.32 14.56 38.89
N VAL B 321 5.51 14.46 38.30
CA VAL B 321 6.15 15.60 37.64
C VAL B 321 5.34 16.08 36.43
N PHE B 322 4.73 15.15 35.70
CA PHE B 322 3.91 15.49 34.52
C PHE B 322 2.56 16.12 34.83
N VAL B 323 1.88 15.61 35.86
CA VAL B 323 0.61 16.18 36.33
C VAL B 323 0.85 17.56 36.96
N ARG B 324 1.92 17.66 37.76
CA ARG B 324 2.30 18.91 38.40
C ARG B 324 2.59 20.00 37.38
N LYS B 325 3.39 19.68 36.38
CA LYS B 325 3.80 20.62 35.33
C LYS B 325 2.72 20.92 34.26
N PHE B 326 2.13 19.88 33.67
CA PHE B 326 1.23 20.07 32.50
C PHE B 326 -0.26 20.02 32.80
N GLN B 327 -0.60 19.64 34.03
CA GLN B 327 -2.00 19.64 34.48
C GLN B 327 -2.15 20.26 35.86
N PRO B 328 -1.59 21.47 36.10
CA PRO B 328 -1.64 22.06 37.45
C PRO B 328 -3.05 22.20 38.07
N GLU B 329 -4.08 22.34 37.23
CA GLU B 329 -5.46 22.50 37.71
C GLU B 329 -6.01 21.20 38.26
N ARG B 330 -5.38 20.09 37.88
CA ARG B 330 -5.87 18.77 38.25
C ARG B 330 -5.04 18.09 39.33
N TYR B 331 -3.86 18.65 39.61
CA TYR B 331 -2.90 18.02 40.51
C TYR B 331 -3.48 17.72 41.89
N LYS B 332 -4.28 18.64 42.43
CA LYS B 332 -4.87 18.45 43.75
C LYS B 332 -5.92 17.32 43.76
N LEU B 333 -6.78 17.30 42.69
CA LEU B 333 -7.75 16.21 42.51
C LEU B 333 -7.06 14.86 42.31
N TRP B 334 -6.09 14.82 41.42
CA TRP B 334 -5.36 13.60 41.06
C TRP B 334 -4.59 13.01 42.24
N LYS B 335 -3.97 13.88 43.05
CA LYS B 335 -3.22 13.46 44.24
C LYS B 335 -4.14 12.84 45.28
N ALA B 336 -5.39 13.31 45.32
CA ALA B 336 -6.41 12.74 46.20
C ALA B 336 -7.07 11.50 45.59
N GLY B 337 -6.68 11.16 44.36
CA GLY B 337 -7.25 10.01 43.64
C GLY B 337 -8.69 10.23 43.18
N LYS B 338 -9.08 11.48 42.98
CA LYS B 338 -10.44 11.82 42.54
C LYS B 338 -10.52 12.27 41.06
N ASP B 339 -9.45 12.12 40.30
CA ASP B 339 -9.42 12.51 38.89
C ASP B 339 -10.14 11.47 38.01
N ASN B 340 -11.33 11.84 37.53
CA ASN B 340 -12.23 10.93 36.81
C ASN B 340 -12.09 10.94 35.29
N THR B 341 -11.05 11.61 34.78
CA THR B 341 -10.83 11.79 33.33
C THR B 341 -10.89 10.50 32.52
N VAL B 342 -11.71 10.52 31.47
CA VAL B 342 -11.88 9.36 30.58
C VAL B 342 -11.16 9.62 29.25
N ILE B 343 -10.34 8.66 28.85
CA ILE B 343 -9.55 8.81 27.63
C ILE B 343 -10.42 8.54 26.40
N ASP B 344 -10.38 9.47 25.44
CA ASP B 344 -10.94 9.27 24.11
C ASP B 344 -9.78 9.08 23.13
N HIS B 345 -9.65 7.85 22.63
CA HIS B 345 -8.49 7.45 21.84
C HIS B 345 -8.40 8.11 20.45
N THR B 346 -9.44 8.85 20.06
CA THR B 346 -9.51 9.40 18.71
C THR B 346 -8.97 10.83 18.55
N LEU B 347 -8.72 11.51 19.67
CA LEU B 347 -8.29 12.92 19.62
C LEU B 347 -6.77 13.07 19.49
N PRO B 348 -6.31 14.11 18.74
CA PRO B 348 -4.90 14.50 18.55
C PRO B 348 -4.27 15.39 19.64
N ALA C 7 -23.04 -6.07 -22.03
CA ALA C 7 -23.76 -5.42 -23.16
C ALA C 7 -22.85 -4.44 -23.90
N ARG C 8 -22.25 -3.50 -23.17
CA ARG C 8 -21.24 -2.59 -23.73
C ARG C 8 -20.31 -2.04 -22.65
N M3L C 9 -19.11 -1.63 -23.06
CA M3L C 9 -18.19 -0.89 -22.21
CB M3L C 9 -16.82 -0.91 -22.90
CG M3L C 9 -15.73 -0.08 -22.25
CD M3L C 9 -14.43 -0.26 -23.04
CE M3L C 9 -13.32 0.64 -22.54
NZ M3L C 9 -12.12 0.70 -23.42
C M3L C 9 -18.68 0.52 -22.03
O M3L C 9 -19.19 1.13 -22.97
CM1 M3L C 9 -11.35 -0.56 -23.38
CM2 M3L C 9 -12.48 1.02 -24.81
CM3 M3L C 9 -11.24 1.77 -22.89
N SER C 10 -18.55 1.04 -20.81
CA SER C 10 -19.01 2.40 -20.50
C SER C 10 -17.92 3.17 -19.75
N THR D 6 18.65 -3.16 37.03
CA THR D 6 17.63 -2.44 37.85
C THR D 6 16.78 -1.45 37.00
N ALA D 7 15.49 -1.74 36.89
CA ALA D 7 14.53 -1.00 36.04
C ALA D 7 14.99 -0.84 34.59
N ARG D 8 14.49 -1.72 33.72
CA ARG D 8 14.90 -1.78 32.32
C ARG D 8 13.76 -2.15 31.37
N M3L D 9 13.86 -1.66 30.13
CA M3L D 9 13.12 -2.27 29.03
CB M3L D 9 13.10 -1.40 27.78
CG M3L D 9 12.12 -1.86 26.70
CD M3L D 9 12.57 -1.52 25.28
CE M3L D 9 11.46 -0.90 24.45
NZ M3L D 9 11.85 -0.20 23.20
C M3L D 9 13.73 -3.63 28.74
O M3L D 9 14.95 -3.81 28.80
CM1 M3L D 9 11.12 1.07 23.15
CM2 M3L D 9 13.30 0.08 23.10
CM3 M3L D 9 11.45 -0.99 22.02
N SER D 10 12.86 -4.60 28.47
CA SER D 10 13.26 -5.92 27.98
C SER D 10 12.09 -6.52 27.20
N THR D 11 12.36 -7.52 26.36
CA THR D 11 11.28 -8.13 25.58
C THR D 11 11.53 -9.56 25.14
N GLY D 12 11.33 -10.54 26.02
CA GLY D 12 10.84 -10.35 27.39
C GLY D 12 10.42 -11.68 28.02
N GLY D 13 10.48 -12.74 27.22
CA GLY D 13 10.07 -14.10 27.62
C GLY D 13 10.92 -14.75 28.70
NI NI E . -9.10 1.11 -18.80
ZN ZN F . -22.21 -2.85 -9.38
C1 AKG G . -8.26 2.44 -20.68
O1 AKG G . -7.49 2.79 -21.60
O2 AKG G . -8.33 1.26 -20.11
C2 AKG G . -9.18 3.52 -20.34
O5 AKG G . -10.06 3.30 -19.51
C3 AKG G . -9.13 4.90 -21.06
C4 AKG G . -10.43 5.63 -20.88
C5 AKG G . -10.26 7.02 -21.55
O3 AKG G . -9.24 7.22 -22.29
O4 AKG G . -11.16 7.87 -21.31
NI NI H . 6.99 -1.93 21.17
ZN ZN I . 3.36 -9.52 35.47
C1 AKG J . 8.70 -1.32 19.23
O1 AKG J . 9.43 -0.68 18.44
O2 AKG J . 7.76 -0.82 20.04
C2 AKG J . 9.00 -2.74 19.21
O5 AKG J . 8.35 -3.46 19.96
C3 AKG J . 10.10 -3.31 18.28
C4 AKG J . 10.71 -4.58 18.86
C5 AKG J . 11.74 -5.19 17.88
O3 AKG J . 12.20 -4.48 16.94
O4 AKG J . 12.04 -6.41 18.09
#